data_4OEU
#
_entry.id   4OEU
#
_cell.length_a   154.480
_cell.length_b   72.770
_cell.length_c   86.090
_cell.angle_alpha   90.00
_cell.angle_beta   111.99
_cell.angle_gamma   90.00
#
_symmetry.space_group_name_H-M   'C 1 2 1'
#
loop_
_entity.id
_entity.type
_entity.pdbx_description
1 polymer 'Putative peptide ABC-transport system periplasmic peptide-binding protein'
2 non-polymer 'NICKEL (II) ION'
3 non-polymer HISTIDINE
4 non-polymer 'MAGNESIUM ION'
5 non-polymer DI(HYDROXYETHYL)ETHER
6 non-polymer GLYCEROL
7 water water
#
_entity_poly.entity_id   1
_entity_poly.type   'polypeptide(L)'
_entity_poly.pdbx_seq_one_letter_code
;KIPKDTLIIAVENEIARINPAYSEDHDAVINLVFSGLTRFDENMSLKPDLAKSWDISKDGLVYDIFLRDDVLWHDGVKFS
ADDVKFSIEAFKNPKNNSSIYVNFEDIKSVEILNPSHVKITLFKPYPAFLDALSIGMLPKHLLENENLNTSSFNQNPIGT
GPYKFVKWKKGEYVEFKANEHFYLDKVKTPRLIIKHIFDPSIASAELKNGKIDAALIDVSLLNIFKNDENFGILREKSAD
YRALMFNLDNEFLKDLKVRQALNYAVDKESIVKNLLHDYAFVANHPLERSWANSKNFKIYKYDPKKAEDLLVSAGFKKNK
DGNFEKDGKILEFEIWAMSNDPLRVSLAGILQSEFRKIGVVSKVVAKPAGSFDYSKVDSFLIGWGSPLDPDFHTFRVFES
SQDSALNDEGWNFGHYHDKKVDIALQKARNTSNLEERKKYYKDFIDALYENPPFIFLAYLDFALVYNKDLKGIKTRTLGH
HGVGFTWNVYEWSK
;
_entity_poly.pdbx_strand_id   A,B
#
loop_
_chem_comp.id
_chem_comp.type
_chem_comp.name
_chem_comp.formula
GOL non-polymer GLYCEROL 'C3 H8 O3'
MG non-polymer 'MAGNESIUM ION' 'Mg 2'
NI non-polymer 'NICKEL (II) ION' 'Ni 2'
PEG non-polymer DI(HYDROXYETHYL)ETHER 'C4 H10 O3'
#
# COMPACT_ATOMS: atom_id res chain seq x y z
N ILE A 2 1.34 -22.72 52.95
CA ILE A 2 1.53 -23.58 51.79
C ILE A 2 2.83 -24.36 51.90
N PRO A 3 2.75 -25.70 51.73
CA PRO A 3 3.92 -26.58 51.80
C PRO A 3 4.93 -26.29 50.69
N LYS A 4 6.19 -26.63 50.93
CA LYS A 4 7.27 -26.37 49.97
C LYS A 4 7.13 -27.14 48.67
N ASP A 5 6.44 -28.27 48.72
CA ASP A 5 6.31 -29.12 47.54
C ASP A 5 5.04 -28.79 46.75
N THR A 6 4.41 -27.68 47.12
CA THR A 6 3.17 -27.27 46.48
C THR A 6 3.27 -25.83 46.00
N LEU A 7 2.82 -25.59 44.77
CA LEU A 7 2.79 -24.25 44.23
C LEU A 7 1.34 -23.86 43.93
N ILE A 8 0.95 -22.67 44.39
CA ILE A 8 -0.41 -22.17 44.17
C ILE A 8 -0.38 -20.81 43.47
N ILE A 9 -0.89 -20.80 42.24
CA ILE A 9 -0.91 -19.59 41.43
C ILE A 9 -2.35 -19.20 41.08
N ALA A 10 -2.64 -17.90 41.11
CA ALA A 10 -3.95 -17.44 40.73
C ALA A 10 -3.94 -16.93 39.28
N VAL A 11 -4.96 -17.29 38.52
CA VAL A 11 -5.16 -16.74 37.19
C VAL A 11 -6.58 -16.23 37.08
N GLU A 12 -6.80 -15.19 36.27
CA GLU A 12 -8.11 -14.57 36.18
C GLU A 12 -9.07 -15.34 35.26
N ASN A 13 -8.54 -15.98 34.22
CA ASN A 13 -9.39 -16.63 33.24
C ASN A 13 -9.38 -18.14 33.36
N GLU A 14 -10.56 -18.73 33.21
CA GLU A 14 -10.74 -20.18 33.32
C GLU A 14 -11.28 -20.71 32.00
N ILE A 15 -11.02 -21.97 31.69
CA ILE A 15 -11.52 -22.54 30.44
C ILE A 15 -12.39 -23.76 30.75
N ALA A 16 -13.37 -24.01 29.90
CA ALA A 16 -14.29 -25.14 30.12
C ALA A 16 -13.67 -26.46 29.69
N ARG A 17 -12.85 -26.41 28.65
CA ARG A 17 -12.25 -27.62 28.08
C ARG A 17 -10.72 -27.54 28.01
N ILE A 18 -10.05 -28.38 28.81
CA ILE A 18 -8.59 -28.38 28.88
C ILE A 18 -8.03 -29.21 27.73
N ASN A 19 -7.97 -28.54 26.58
CA ASN A 19 -7.71 -29.19 25.29
C ASN A 19 -7.18 -28.14 24.31
N PRO A 20 -5.99 -28.37 23.74
CA PRO A 20 -5.39 -27.40 22.82
C PRO A 20 -6.29 -27.05 21.64
N ALA A 21 -7.17 -27.96 21.25
CA ALA A 21 -8.09 -27.72 20.15
C ALA A 21 -9.07 -26.58 20.41
N TYR A 22 -9.24 -26.24 21.69
CA TYR A 22 -10.19 -25.21 22.07
C TYR A 22 -9.46 -24.09 22.82
N SER A 23 -8.17 -23.98 22.57
CA SER A 23 -7.36 -22.90 23.13
C SER A 23 -7.74 -21.55 22.53
N GLU A 24 -7.90 -20.56 23.40
CA GLU A 24 -8.24 -19.23 22.95
C GLU A 24 -7.29 -18.20 23.54
N ASP A 25 -6.08 -18.65 23.87
CA ASP A 25 -5.06 -17.80 24.48
C ASP A 25 -5.58 -17.07 25.73
N HIS A 26 -6.50 -17.70 26.45
CA HIS A 26 -7.07 -17.10 27.64
C HIS A 26 -6.91 -17.99 28.85
N ASP A 27 -5.89 -18.84 28.87
CA ASP A 27 -5.74 -19.80 29.97
C ASP A 27 -4.28 -20.14 30.26
N ALA A 28 -4.07 -20.81 31.38
CA ALA A 28 -2.72 -21.15 31.81
C ALA A 28 -2.56 -22.66 31.94
N VAL A 29 -3.67 -23.40 31.87
CA VAL A 29 -3.65 -24.84 32.14
C VAL A 29 -3.29 -25.72 30.93
N ILE A 30 -3.53 -25.23 29.71
CA ILE A 30 -3.27 -26.03 28.52
C ILE A 30 -1.76 -26.22 28.29
N ASN A 31 -0.98 -25.18 28.51
CA ASN A 31 0.47 -25.30 28.36
C ASN A 31 1.12 -26.09 29.51
N LEU A 32 0.36 -26.35 30.58
CA LEU A 32 0.84 -27.19 31.69
C LEU A 32 0.69 -28.67 31.37
N VAL A 33 -0.50 -29.02 30.90
CA VAL A 33 -0.83 -30.41 30.60
C VAL A 33 -0.22 -30.87 29.29
N PHE A 34 -0.26 -30.00 28.28
CA PHE A 34 0.16 -30.38 26.95
C PHE A 34 1.47 -29.72 26.52
N SER A 35 2.10 -30.29 25.50
CA SER A 35 3.26 -29.70 24.85
C SER A 35 3.08 -29.84 23.34
N GLY A 36 3.56 -28.85 22.60
CA GLY A 36 3.46 -28.87 21.15
C GLY A 36 4.74 -29.36 20.51
N LEU A 37 4.78 -29.34 19.19
CA LEU A 37 6.01 -29.73 18.48
C LEU A 37 7.11 -28.71 18.76
N THR A 38 6.71 -27.46 18.93
CA THR A 38 7.64 -26.37 19.19
C THR A 38 7.27 -25.61 20.47
N ARG A 39 8.14 -24.70 20.86
CA ARG A 39 7.95 -23.92 22.07
C ARG A 39 8.78 -22.65 21.96
N PHE A 40 8.64 -21.75 22.92
CA PHE A 40 9.38 -20.48 22.88
C PHE A 40 10.17 -20.27 24.16
N ASP A 41 11.35 -19.67 24.03
CA ASP A 41 12.22 -19.45 25.19
C ASP A 41 11.98 -18.09 25.81
N GLU A 42 12.89 -17.68 26.69
CA GLU A 42 12.80 -16.41 27.38
C GLU A 42 12.83 -15.20 26.45
N ASN A 43 13.32 -15.41 25.22
CA ASN A 43 13.42 -14.32 24.25
C ASN A 43 12.37 -14.42 23.14
N MET A 44 11.40 -15.30 23.35
CA MET A 44 10.34 -15.60 22.38
C MET A 44 10.89 -16.19 21.09
N SER A 45 12.04 -16.85 21.18
CA SER A 45 12.61 -17.51 20.02
C SER A 45 12.06 -18.92 19.88
N LEU A 46 11.80 -19.31 18.64
CA LEU A 46 11.31 -20.65 18.34
C LEU A 46 12.32 -21.72 18.77
N LYS A 47 11.85 -22.66 19.58
CA LYS A 47 12.69 -23.77 20.06
C LYS A 47 11.99 -25.10 19.83
N PRO A 48 12.78 -26.18 19.72
CA PRO A 48 12.21 -27.53 19.58
C PRO A 48 11.55 -28.00 20.88
N ASP A 49 10.43 -28.72 20.75
CA ASP A 49 9.81 -29.34 21.92
C ASP A 49 9.60 -30.82 21.64
N LEU A 50 8.39 -31.20 21.26
CA LEU A 50 8.13 -32.59 20.86
C LEU A 50 8.87 -32.92 19.57
N ALA A 51 9.10 -31.91 18.74
CA ALA A 51 9.87 -32.09 17.52
C ALA A 51 11.32 -31.75 17.80
N LYS A 52 12.22 -32.68 17.50
CA LYS A 52 13.64 -32.47 17.75
C LYS A 52 14.24 -31.57 16.68
N SER A 53 13.66 -31.60 15.48
CA SER A 53 14.10 -30.74 14.38
C SER A 53 13.10 -30.72 13.23
N TRP A 54 13.30 -29.81 12.28
CA TRP A 54 12.44 -29.73 11.13
C TRP A 54 13.17 -29.18 9.91
N ASP A 55 12.66 -29.54 8.73
CA ASP A 55 13.13 -28.95 7.47
C ASP A 55 11.93 -28.43 6.68
N ILE A 56 12.08 -27.25 6.10
CA ILE A 56 11.00 -26.66 5.32
C ILE A 56 11.41 -26.52 3.86
N SER A 57 10.52 -26.95 2.96
CA SER A 57 10.79 -26.89 1.53
C SER A 57 11.03 -25.45 1.09
N LYS A 58 11.59 -25.31 -0.10
CA LYS A 58 12.00 -24.01 -0.63
C LYS A 58 10.80 -23.10 -0.83
N ASP A 59 9.68 -23.69 -1.23
CA ASP A 59 8.47 -22.94 -1.51
C ASP A 59 7.56 -22.81 -0.29
N GLY A 60 8.01 -23.37 0.83
CA GLY A 60 7.26 -23.27 2.08
C GLY A 60 6.00 -24.13 2.13
N LEU A 61 5.87 -25.07 1.20
CA LEU A 61 4.67 -25.90 1.16
C LEU A 61 4.84 -27.27 1.83
N VAL A 62 6.08 -27.67 2.07
CA VAL A 62 6.34 -29.00 2.65
C VAL A 62 7.15 -28.90 3.93
N TYR A 63 6.58 -29.42 5.01
CA TYR A 63 7.24 -29.48 6.29
C TYR A 63 7.61 -30.91 6.67
N ASP A 64 8.90 -31.16 6.83
CA ASP A 64 9.36 -32.43 7.38
C ASP A 64 9.68 -32.24 8.86
N ILE A 65 8.96 -32.98 9.70
CA ILE A 65 9.10 -32.82 11.14
C ILE A 65 9.63 -34.11 11.76
N PHE A 66 10.72 -33.99 12.52
CA PHE A 66 11.34 -35.15 13.17
C PHE A 66 11.06 -35.12 14.67
N LEU A 67 10.53 -36.21 15.19
CA LEU A 67 10.05 -36.23 16.56
C LEU A 67 11.04 -36.87 17.52
N ARG A 68 10.99 -36.44 18.78
CA ARG A 68 11.69 -37.12 19.85
C ARG A 68 11.06 -38.50 20.02
N ASP A 69 11.85 -39.49 20.44
CA ASP A 69 11.32 -40.83 20.63
C ASP A 69 11.29 -41.23 22.11
N ASP A 70 11.58 -40.27 22.99
CA ASP A 70 11.64 -40.55 24.43
C ASP A 70 10.52 -39.84 25.20
N VAL A 71 9.39 -39.60 24.54
CA VAL A 71 8.29 -38.85 25.16
C VAL A 71 7.13 -39.77 25.53
N LEU A 72 6.65 -39.65 26.77
CA LEU A 72 5.48 -40.40 27.20
C LEU A 72 4.28 -39.51 27.46
N TRP A 73 3.10 -40.00 27.10
CA TRP A 73 1.85 -39.40 27.55
C TRP A 73 1.70 -39.72 29.05
N HIS A 74 0.82 -38.98 29.72
CA HIS A 74 0.66 -39.09 31.17
C HIS A 74 0.11 -40.45 31.61
N ASP A 75 -0.50 -41.19 30.69
CA ASP A 75 -1.02 -42.51 31.01
C ASP A 75 0.03 -43.60 30.79
N GLY A 76 1.26 -43.17 30.50
CA GLY A 76 2.37 -44.07 30.28
C GLY A 76 2.51 -44.54 28.84
N VAL A 77 1.56 -44.17 28.01
CA VAL A 77 1.61 -44.48 26.58
C VAL A 77 2.61 -43.59 25.86
N LYS A 78 3.33 -44.16 24.91
CA LYS A 78 4.38 -43.42 24.22
C LYS A 78 3.81 -42.44 23.19
N PHE A 79 4.43 -41.27 23.12
CA PHE A 79 4.16 -40.29 22.08
C PHE A 79 4.79 -40.76 20.77
N SER A 80 4.03 -40.72 19.68
CA SER A 80 4.55 -41.13 18.38
C SER A 80 3.97 -40.25 17.28
N ALA A 81 4.36 -40.55 16.04
CA ALA A 81 3.89 -39.82 14.88
C ALA A 81 2.38 -39.94 14.68
N ASP A 82 1.81 -41.04 15.17
CA ASP A 82 0.37 -41.27 15.11
C ASP A 82 -0.39 -40.13 15.75
N ASP A 83 0.10 -39.67 16.90
CA ASP A 83 -0.52 -38.59 17.66
C ASP A 83 -0.51 -37.28 16.86
N VAL A 84 0.59 -37.02 16.16
CA VAL A 84 0.71 -35.79 15.37
C VAL A 84 -0.28 -35.75 14.22
N LYS A 85 -0.35 -36.85 13.46
CA LYS A 85 -1.29 -36.92 12.36
C LYS A 85 -2.72 -36.74 12.86
N PHE A 86 -3.06 -37.45 13.93
CA PHE A 86 -4.39 -37.32 14.52
C PHE A 86 -4.67 -35.90 15.00
N SER A 87 -3.72 -35.33 15.72
CA SER A 87 -3.89 -33.99 16.29
C SER A 87 -4.19 -32.96 15.21
N ILE A 88 -3.33 -32.91 14.19
CA ILE A 88 -3.46 -31.91 13.14
C ILE A 88 -4.75 -32.11 12.35
N GLU A 89 -5.05 -33.37 12.03
CA GLU A 89 -6.29 -33.68 11.33
C GLU A 89 -7.53 -33.31 12.16
N ALA A 90 -7.42 -33.39 13.48
CA ALA A 90 -8.51 -32.99 14.36
C ALA A 90 -8.73 -31.46 14.33
N PHE A 91 -7.63 -30.70 14.34
CA PHE A 91 -7.71 -29.23 14.29
C PHE A 91 -8.36 -28.76 12.98
N LYS A 92 -8.04 -29.47 11.88
CA LYS A 92 -8.54 -29.16 10.54
C LYS A 92 -10.01 -29.52 10.31
N ASN A 93 -10.51 -30.49 11.08
CA ASN A 93 -11.84 -31.00 10.86
C ASN A 93 -12.90 -30.04 11.39
N PRO A 94 -13.67 -29.41 10.48
CA PRO A 94 -14.68 -28.41 10.87
C PRO A 94 -15.71 -28.97 11.85
N LYS A 95 -15.91 -30.28 11.82
CA LYS A 95 -16.85 -30.91 12.73
C LYS A 95 -16.37 -30.87 14.18
N ASN A 96 -15.10 -30.55 14.37
CA ASN A 96 -14.55 -30.37 15.72
C ASN A 96 -14.65 -28.91 16.24
N ASN A 97 -15.00 -27.98 15.36
CA ASN A 97 -15.17 -26.58 15.73
C ASN A 97 -13.98 -26.04 16.49
N SER A 98 -12.78 -26.33 16.01
CA SER A 98 -11.59 -25.96 16.74
C SER A 98 -11.43 -24.44 16.79
N SER A 99 -11.03 -23.94 17.95
CA SER A 99 -10.83 -22.51 18.10
C SER A 99 -9.59 -22.07 17.32
N ILE A 100 -8.73 -23.04 16.99
CA ILE A 100 -7.50 -22.75 16.26
C ILE A 100 -7.55 -23.31 14.84
N TYR A 101 -8.76 -23.52 14.32
CA TYR A 101 -8.94 -24.03 12.95
C TYR A 101 -8.23 -23.18 11.91
N VAL A 102 -8.25 -21.86 12.07
CA VAL A 102 -7.68 -20.97 11.05
C VAL A 102 -6.17 -21.12 10.91
N ASN A 103 -5.51 -21.65 11.94
CA ASN A 103 -4.07 -21.88 11.88
C ASN A 103 -3.71 -23.13 11.13
N PHE A 104 -4.72 -23.94 10.81
CA PHE A 104 -4.46 -25.23 10.18
C PHE A 104 -5.24 -25.45 8.90
N GLU A 105 -5.98 -24.43 8.46
CA GLU A 105 -6.88 -24.60 7.31
C GLU A 105 -6.16 -24.80 5.98
N ASP A 106 -4.94 -24.29 5.87
CA ASP A 106 -4.20 -24.36 4.60
C ASP A 106 -3.46 -25.68 4.41
N ILE A 107 -3.70 -26.64 5.30
CA ILE A 107 -3.01 -27.93 5.27
C ILE A 107 -3.64 -28.89 4.28
N LYS A 108 -2.82 -29.42 3.37
CA LYS A 108 -3.27 -30.41 2.40
C LYS A 108 -3.32 -31.84 2.95
N SER A 109 -2.22 -32.28 3.54
CA SER A 109 -2.11 -33.66 4.03
C SER A 109 -1.07 -33.81 5.13
N VAL A 110 -1.26 -34.82 5.97
CA VAL A 110 -0.28 -35.21 6.98
C VAL A 110 0.13 -36.67 6.76
N GLU A 111 1.39 -36.88 6.44
CA GLU A 111 1.90 -38.22 6.12
C GLU A 111 2.83 -38.76 7.21
N ILE A 112 2.60 -40.00 7.64
CA ILE A 112 3.52 -40.67 8.55
C ILE A 112 4.51 -41.49 7.73
N LEU A 113 5.78 -41.11 7.79
CA LEU A 113 6.83 -41.79 7.03
C LEU A 113 7.46 -42.90 7.87
N ASN A 114 7.67 -42.60 9.15
CA ASN A 114 8.06 -43.57 10.15
C ASN A 114 7.61 -43.03 11.51
N PRO A 115 7.65 -43.86 12.57
CA PRO A 115 7.09 -43.38 13.85
C PRO A 115 7.72 -42.12 14.45
N SER A 116 8.81 -41.63 13.87
CA SER A 116 9.43 -40.40 14.34
C SER A 116 9.56 -39.34 13.25
N HIS A 117 8.84 -39.52 12.14
CA HIS A 117 8.95 -38.61 11.00
C HIS A 117 7.59 -38.38 10.36
N VAL A 118 7.15 -37.12 10.39
CA VAL A 118 5.88 -36.73 9.79
C VAL A 118 6.12 -35.69 8.69
N LYS A 119 5.43 -35.84 7.56
CA LYS A 119 5.54 -34.88 6.47
C LYS A 119 4.22 -34.12 6.27
N ILE A 120 4.28 -32.81 6.45
CA ILE A 120 3.11 -31.97 6.31
C ILE A 120 3.17 -31.16 5.01
N THR A 121 2.13 -31.27 4.20
CA THR A 121 2.06 -30.52 2.95
C THR A 121 0.93 -29.49 2.98
N LEU A 122 1.21 -28.30 2.44
CA LEU A 122 0.27 -27.19 2.51
C LEU A 122 -0.25 -26.84 1.12
N PHE A 123 -1.49 -26.34 1.04
CA PHE A 123 -2.01 -25.81 -0.20
C PHE A 123 -1.30 -24.51 -0.56
N LYS A 124 -1.03 -23.71 0.46
CA LYS A 124 -0.43 -22.38 0.29
C LYS A 124 0.55 -22.18 1.43
N PRO A 125 1.53 -21.29 1.26
CA PRO A 125 2.48 -21.03 2.35
C PRO A 125 1.78 -20.49 3.61
N TYR A 126 2.24 -20.90 4.78
CA TYR A 126 1.75 -20.35 6.04
C TYR A 126 2.91 -20.30 7.04
N PRO A 127 3.72 -19.22 6.97
CA PRO A 127 4.95 -19.06 7.76
C PRO A 127 4.73 -19.06 9.28
N ALA A 128 3.48 -18.92 9.73
CA ALA A 128 3.21 -18.97 11.16
C ALA A 128 3.02 -20.41 11.63
N PHE A 129 3.18 -21.36 10.71
CA PHE A 129 2.88 -22.76 11.00
C PHE A 129 3.66 -23.29 12.20
N LEU A 130 4.96 -23.02 12.25
CA LEU A 130 5.80 -23.48 13.35
C LEU A 130 5.36 -22.87 14.69
N ASP A 131 5.00 -21.59 14.68
CA ASP A 131 4.42 -20.95 15.85
C ASP A 131 3.13 -21.66 16.25
N ALA A 132 2.30 -21.98 15.25
CA ALA A 132 1.02 -22.62 15.49
C ALA A 132 1.16 -24.01 16.09
N LEU A 133 2.27 -24.68 15.77
CA LEU A 133 2.50 -26.04 16.23
C LEU A 133 2.96 -26.11 17.68
N SER A 134 3.08 -24.96 18.34
CA SER A 134 3.47 -24.93 19.75
C SER A 134 2.30 -25.24 20.66
N ILE A 135 1.10 -25.27 20.07
CA ILE A 135 -0.14 -25.29 20.85
C ILE A 135 -0.32 -26.52 21.75
N GLY A 136 0.08 -27.71 21.28
CA GLY A 136 -0.08 -28.90 22.10
C GLY A 136 -0.68 -30.06 21.33
N MET A 137 -0.03 -31.22 21.41
CA MET A 137 -0.48 -32.40 20.69
C MET A 137 -1.53 -33.18 21.50
N LEU A 138 -2.35 -33.96 20.80
CA LEU A 138 -3.43 -34.72 21.41
C LEU A 138 -3.15 -36.24 21.34
N PRO A 139 -3.57 -36.99 22.37
CA PRO A 139 -3.35 -38.45 22.42
C PRO A 139 -4.37 -39.24 21.58
N LYS A 140 -3.89 -39.83 20.50
CA LYS A 140 -4.71 -40.61 19.57
C LYS A 140 -5.47 -41.77 20.23
N HIS A 141 -4.82 -42.47 21.14
CA HIS A 141 -5.39 -43.69 21.71
C HIS A 141 -6.59 -43.40 22.61
N LEU A 142 -6.73 -42.16 23.04
CA LEU A 142 -7.88 -41.73 23.85
C LEU A 142 -9.01 -41.09 23.03
N LEU A 143 -8.65 -40.32 22.02
CA LEU A 143 -9.62 -39.43 21.38
C LEU A 143 -10.04 -39.87 19.98
N GLU A 144 -9.49 -40.98 19.50
CA GLU A 144 -9.75 -41.43 18.14
C GLU A 144 -11.23 -41.73 17.89
N ASN A 145 -11.89 -42.31 18.88
CA ASN A 145 -13.29 -42.69 18.72
C ASN A 145 -14.23 -41.79 19.51
N GLU A 146 -13.77 -40.58 19.81
CA GLU A 146 -14.52 -39.65 20.63
C GLU A 146 -15.04 -38.46 19.85
N ASN A 147 -16.05 -37.81 20.43
CA ASN A 147 -16.48 -36.51 19.92
C ASN A 147 -15.64 -35.47 20.65
N LEU A 148 -14.68 -34.88 19.92
CA LEU A 148 -13.73 -33.96 20.52
C LEU A 148 -14.43 -32.78 21.19
N ASN A 149 -15.56 -32.38 20.61
CA ASN A 149 -16.30 -31.22 21.12
C ASN A 149 -16.76 -31.42 22.56
N THR A 150 -17.15 -32.65 22.87
CA THR A 150 -17.89 -32.92 24.10
C THR A 150 -17.29 -34.03 24.98
N SER A 151 -16.15 -34.58 24.55
CA SER A 151 -15.55 -35.71 25.25
C SER A 151 -15.21 -35.40 26.70
N SER A 152 -15.40 -36.38 27.58
CA SER A 152 -15.07 -36.23 28.99
C SER A 152 -13.55 -36.04 29.17
N PHE A 153 -12.79 -36.35 28.12
CA PHE A 153 -11.36 -36.05 28.08
C PHE A 153 -11.11 -34.57 28.41
N ASN A 154 -12.00 -33.71 27.91
CA ASN A 154 -11.84 -32.27 28.08
C ASN A 154 -11.86 -31.81 29.54
N GLN A 155 -12.37 -32.66 30.42
CA GLN A 155 -12.37 -32.37 31.85
C GLN A 155 -11.48 -33.37 32.60
N ASN A 156 -10.87 -34.29 31.86
CA ASN A 156 -9.88 -35.21 32.43
C ASN A 156 -8.75 -35.45 31.43
N PRO A 157 -7.93 -34.40 31.16
CA PRO A 157 -6.98 -34.43 30.04
C PRO A 157 -5.70 -35.19 30.30
N ILE A 158 -5.20 -35.86 29.25
CA ILE A 158 -3.90 -36.52 29.25
C ILE A 158 -3.01 -35.88 28.20
N GLY A 159 -1.84 -35.38 28.62
CA GLY A 159 -0.92 -34.74 27.69
C GLY A 159 0.53 -35.16 27.83
N THR A 160 1.44 -34.37 27.24
CA THR A 160 2.87 -34.63 27.36
C THR A 160 3.59 -33.50 28.10
N GLY A 161 2.83 -32.56 28.64
CA GLY A 161 3.42 -31.41 29.29
C GLY A 161 4.08 -31.75 30.62
N PRO A 162 4.67 -30.73 31.26
CA PRO A 162 5.37 -30.83 32.55
C PRO A 162 4.45 -31.21 33.72
N TYR A 163 3.14 -31.01 33.58
CA TYR A 163 2.25 -31.29 34.71
C TYR A 163 1.06 -32.17 34.35
N LYS A 164 0.74 -33.07 35.27
CA LYS A 164 -0.34 -34.04 35.08
C LYS A 164 -1.62 -33.56 35.75
N PHE A 165 -2.76 -33.80 35.11
CA PHE A 165 -4.05 -33.42 35.69
C PHE A 165 -4.39 -34.32 36.89
N VAL A 166 -4.72 -33.70 38.02
CA VAL A 166 -5.14 -34.44 39.21
C VAL A 166 -6.65 -34.36 39.44
N LYS A 167 -7.14 -33.16 39.74
CA LYS A 167 -8.57 -32.97 39.94
C LYS A 167 -8.98 -31.51 39.72
N TRP A 168 -10.26 -31.31 39.44
CA TRP A 168 -10.77 -30.00 39.07
C TRP A 168 -12.03 -29.61 39.84
N LYS A 169 -11.89 -28.61 40.71
CA LYS A 169 -13.06 -27.99 41.35
C LYS A 169 -13.45 -26.75 40.56
N LYS A 170 -14.55 -26.86 39.84
CA LYS A 170 -14.91 -25.84 38.85
C LYS A 170 -15.32 -24.54 39.52
N GLY A 171 -14.73 -23.44 39.06
CA GLY A 171 -14.91 -22.13 39.67
C GLY A 171 -14.00 -21.93 40.86
N GLU A 172 -13.28 -22.98 41.24
CA GLU A 172 -12.37 -22.92 42.38
C GLU A 172 -10.91 -23.03 41.95
N TYR A 173 -10.49 -24.24 41.57
CA TYR A 173 -9.11 -24.49 41.22
C TYR A 173 -8.93 -25.73 40.35
N VAL A 174 -7.77 -25.83 39.73
CA VAL A 174 -7.36 -27.06 39.06
C VAL A 174 -6.03 -27.50 39.66
N GLU A 175 -5.96 -28.74 40.13
CA GLU A 175 -4.75 -29.24 40.77
C GLU A 175 -3.95 -30.09 39.79
N PHE A 176 -2.62 -29.96 39.87
CA PHE A 176 -1.73 -30.75 39.01
C PHE A 176 -0.61 -31.39 39.83
N LYS A 177 -0.06 -32.48 39.30
CA LYS A 177 1.15 -33.06 39.86
C LYS A 177 2.25 -33.18 38.79
N ALA A 178 3.51 -33.11 39.23
CA ALA A 178 4.64 -33.08 38.32
C ALA A 178 4.74 -34.34 37.46
N ASN A 179 4.95 -34.15 36.16
CA ASN A 179 5.13 -35.27 35.24
C ASN A 179 6.51 -35.87 35.44
N GLU A 180 6.55 -37.02 36.11
CA GLU A 180 7.79 -37.67 36.53
C GLU A 180 8.66 -38.09 35.35
N HIS A 181 8.05 -38.22 34.18
CA HIS A 181 8.75 -38.65 32.98
C HIS A 181 8.92 -37.52 31.96
N PHE A 182 8.98 -36.27 32.43
CA PHE A 182 9.06 -35.11 31.52
C PHE A 182 10.43 -35.06 30.84
N TYR A 183 10.40 -35.11 29.51
CA TYR A 183 11.59 -35.24 28.66
C TYR A 183 12.47 -33.99 28.64
N LEU A 184 11.83 -32.84 28.70
CA LEU A 184 12.51 -31.57 28.51
C LEU A 184 13.42 -31.23 29.68
N ASP A 185 12.90 -31.42 30.88
CA ASP A 185 13.58 -31.06 32.11
C ASP A 185 12.90 -31.75 33.28
N LYS A 186 13.58 -31.79 34.42
CA LYS A 186 12.96 -32.32 35.63
C LYS A 186 11.99 -31.28 36.17
N VAL A 187 10.73 -31.67 36.33
CA VAL A 187 9.74 -30.77 36.91
C VAL A 187 10.03 -30.61 38.39
N LYS A 188 10.30 -29.38 38.82
CA LYS A 188 10.83 -29.15 40.17
C LYS A 188 9.78 -29.22 41.29
N THR A 189 8.67 -28.49 41.15
CA THR A 189 7.65 -28.49 42.20
C THR A 189 6.60 -29.57 41.94
N PRO A 190 6.49 -30.53 42.87
CA PRO A 190 5.64 -31.71 42.73
C PRO A 190 4.14 -31.42 42.71
N ARG A 191 3.70 -30.36 43.38
CA ARG A 191 2.27 -30.04 43.34
C ARG A 191 2.03 -28.62 42.84
N LEU A 192 1.10 -28.52 41.89
CA LEU A 192 0.75 -27.22 41.31
C LEU A 192 -0.76 -27.03 41.31
N ILE A 193 -1.18 -25.91 41.87
CA ILE A 193 -2.59 -25.56 41.90
C ILE A 193 -2.81 -24.27 41.14
N ILE A 194 -3.70 -24.31 40.15
CA ILE A 194 -4.13 -23.11 39.45
C ILE A 194 -5.45 -22.61 40.02
N LYS A 195 -5.40 -21.55 40.82
CA LYS A 195 -6.58 -21.04 41.51
C LYS A 195 -7.27 -19.97 40.67
N HIS A 196 -8.57 -20.11 40.45
CA HIS A 196 -9.29 -19.13 39.62
C HIS A 196 -9.75 -17.95 40.45
N ILE A 197 -9.13 -16.78 40.21
CA ILE A 197 -9.52 -15.55 40.88
C ILE A 197 -9.57 -14.41 39.86
N PHE A 198 -10.76 -13.91 39.55
CA PHE A 198 -10.91 -12.84 38.58
C PHE A 198 -10.95 -11.46 39.25
N ASP A 199 -11.16 -11.45 40.56
CA ASP A 199 -11.19 -10.21 41.33
C ASP A 199 -9.81 -9.94 41.91
N PRO A 200 -9.16 -8.85 41.46
CA PRO A 200 -7.78 -8.51 41.83
C PRO A 200 -7.61 -8.20 43.31
N SER A 201 -8.62 -7.58 43.92
CA SER A 201 -8.56 -7.25 45.34
C SER A 201 -8.52 -8.53 46.16
N ILE A 202 -9.29 -9.52 45.74
CA ILE A 202 -9.30 -10.82 46.41
C ILE A 202 -7.95 -11.52 46.17
N ALA A 203 -7.41 -11.36 44.97
CA ALA A 203 -6.10 -11.92 44.64
C ALA A 203 -5.02 -11.33 45.54
N SER A 204 -5.09 -10.02 45.73
CA SER A 204 -4.17 -9.33 46.64
C SER A 204 -4.31 -9.82 48.07
N ALA A 205 -5.55 -9.97 48.52
CA ALA A 205 -5.84 -10.41 49.89
C ALA A 205 -5.30 -11.80 50.15
N GLU A 206 -5.51 -12.71 49.21
CA GLU A 206 -5.08 -14.09 49.37
C GLU A 206 -3.55 -14.21 49.32
N LEU A 207 -2.89 -13.28 48.64
CA LEU A 207 -1.44 -13.22 48.66
C LEU A 207 -0.98 -12.89 50.08
N LYS A 208 -1.52 -11.80 50.61
CA LYS A 208 -1.22 -11.36 51.97
C LYS A 208 -1.51 -12.46 53.00
N ASN A 209 -2.56 -13.24 52.74
CA ASN A 209 -2.93 -14.37 53.60
C ASN A 209 -2.01 -15.57 53.47
N GLY A 210 -1.24 -15.62 52.38
CA GLY A 210 -0.39 -16.77 52.13
C GLY A 210 -1.17 -17.97 51.62
N LYS A 211 -2.34 -17.72 51.03
CA LYS A 211 -3.13 -18.79 50.46
C LYS A 211 -2.69 -19.09 49.03
N ILE A 212 -2.11 -18.11 48.36
CA ILE A 212 -1.52 -18.33 47.04
C ILE A 212 -0.08 -17.82 46.99
N ASP A 213 0.75 -18.44 46.15
CA ASP A 213 2.16 -18.08 46.03
C ASP A 213 2.41 -16.91 45.08
N ALA A 214 1.59 -16.80 44.04
CA ALA A 214 1.85 -15.80 43.01
C ALA A 214 0.59 -15.43 42.22
N ALA A 215 0.57 -14.19 41.74
CA ALA A 215 -0.50 -13.73 40.88
C ALA A 215 -0.06 -12.49 40.11
N LEU A 216 -0.77 -12.19 39.03
CA LEU A 216 -0.59 -10.92 38.35
C LEU A 216 -1.53 -9.92 39.01
N ILE A 217 -0.99 -8.83 39.53
CA ILE A 217 -1.77 -7.85 40.26
C ILE A 217 -1.88 -6.54 39.50
N ASP A 218 -3.11 -6.05 39.36
CA ASP A 218 -3.36 -4.77 38.68
C ASP A 218 -2.50 -3.66 39.27
N VAL A 219 -2.02 -2.77 38.41
CA VAL A 219 -1.09 -1.71 38.80
C VAL A 219 -1.66 -0.81 39.91
N SER A 220 -2.97 -0.57 39.87
CA SER A 220 -3.64 0.24 40.90
C SER A 220 -3.53 -0.38 42.29
N LEU A 221 -3.35 -1.70 42.36
CA LEU A 221 -3.24 -2.40 43.63
C LEU A 221 -1.80 -2.65 44.05
N LEU A 222 -0.86 -2.30 43.18
CA LEU A 222 0.53 -2.72 43.34
C LEU A 222 1.20 -2.11 44.58
N ASN A 223 0.78 -0.90 44.94
CA ASN A 223 1.37 -0.19 46.07
C ASN A 223 1.18 -0.92 47.40
N ILE A 224 0.20 -1.81 47.44
CA ILE A 224 -0.14 -2.59 48.63
C ILE A 224 1.01 -3.54 49.04
N PHE A 225 1.82 -3.94 48.06
CA PHE A 225 2.88 -4.91 48.32
C PHE A 225 4.21 -4.23 48.57
N LYS A 226 4.17 -2.90 48.65
CA LYS A 226 5.35 -2.11 49.00
C LYS A 226 5.72 -2.43 50.44
N ASN A 227 7.01 -2.56 50.71
CA ASN A 227 7.52 -2.94 52.03
C ASN A 227 7.21 -4.37 52.47
N ASP A 228 6.22 -5.02 51.86
CA ASP A 228 5.94 -6.40 52.22
C ASP A 228 7.17 -7.21 51.84
N GLU A 229 7.68 -8.01 52.78
CA GLU A 229 8.90 -8.77 52.58
C GLU A 229 8.65 -10.21 52.15
N ASN A 230 7.40 -10.64 52.22
CA ASN A 230 7.06 -11.97 51.78
C ASN A 230 7.01 -12.04 50.25
N PHE A 231 7.10 -10.89 49.59
CA PHE A 231 6.89 -10.84 48.15
C PHE A 231 7.89 -9.97 47.38
N GLY A 232 8.26 -10.44 46.20
CA GLY A 232 9.01 -9.66 45.24
C GLY A 232 8.06 -9.25 44.13
N ILE A 233 8.39 -8.20 43.37
CA ILE A 233 7.57 -7.77 42.25
C ILE A 233 8.38 -7.78 40.95
N LEU A 234 7.89 -8.51 39.95
CA LEU A 234 8.54 -8.54 38.63
C LEU A 234 7.70 -7.85 37.57
N ARG A 235 8.23 -6.75 37.03
CA ARG A 235 7.56 -6.05 35.94
C ARG A 235 7.77 -6.82 34.62
N GLU A 236 6.69 -7.02 33.88
CA GLU A 236 6.77 -7.73 32.60
C GLU A 236 6.18 -6.91 31.46
N LYS A 237 6.88 -6.89 30.32
CA LYS A 237 6.33 -6.29 29.10
C LYS A 237 5.31 -7.23 28.46
N SER A 238 4.40 -6.68 27.65
CA SER A 238 3.40 -7.48 26.98
C SER A 238 2.97 -6.89 25.63
N ALA A 239 2.36 -7.73 24.82
CA ALA A 239 1.73 -7.31 23.56
C ALA A 239 0.25 -6.98 23.79
N ASP A 240 -0.19 -7.06 25.05
CA ASP A 240 -1.60 -6.81 25.38
C ASP A 240 -1.95 -5.34 25.25
N TYR A 241 -2.98 -5.03 24.49
CA TYR A 241 -3.47 -3.66 24.44
C TYR A 241 -4.93 -3.57 24.88
N ARG A 242 -5.33 -2.38 25.33
CA ARG A 242 -6.74 -2.13 25.64
C ARG A 242 -7.27 -1.17 24.58
N ALA A 243 -8.56 -1.30 24.29
CA ALA A 243 -9.19 -0.47 23.27
C ALA A 243 -10.69 -0.44 23.48
N LEU A 244 -11.35 0.48 22.77
CA LEU A 244 -12.81 0.49 22.72
C LEU A 244 -13.28 -0.20 21.46
N MET A 245 -14.00 -1.31 21.61
CA MET A 245 -14.54 -2.02 20.47
C MET A 245 -15.84 -1.38 20.01
N PHE A 246 -15.87 -0.86 18.79
CA PHE A 246 -17.12 -0.40 18.23
C PHE A 246 -17.95 -1.60 17.78
N ASN A 247 -19.24 -1.58 18.07
CA ASN A 247 -20.16 -2.52 17.44
C ASN A 247 -20.72 -1.87 16.21
N LEU A 248 -20.38 -2.39 15.04
CA LEU A 248 -20.77 -1.75 13.79
C LEU A 248 -22.21 -2.06 13.39
N ASP A 249 -22.91 -2.79 14.25
CA ASP A 249 -24.35 -2.95 14.10
C ASP A 249 -25.09 -1.72 14.63
N ASN A 250 -24.44 -0.97 15.53
CA ASN A 250 -25.07 0.20 16.14
C ASN A 250 -25.42 1.30 15.12
N GLU A 251 -26.61 1.88 15.26
CA GLU A 251 -27.11 2.86 14.30
C GLU A 251 -26.19 4.07 14.12
N PHE A 252 -25.43 4.38 15.15
CA PHE A 252 -24.49 5.51 15.09
C PHE A 252 -23.05 5.06 14.81
N LEU A 253 -22.63 3.97 15.44
CA LEU A 253 -21.23 3.54 15.34
C LEU A 253 -20.88 2.90 13.99
N LYS A 254 -21.87 2.56 13.17
CA LYS A 254 -21.56 2.02 11.85
C LYS A 254 -20.93 3.11 10.97
N ASP A 255 -21.32 4.37 11.22
CA ASP A 255 -20.83 5.51 10.45
C ASP A 255 -19.34 5.73 10.69
N LEU A 256 -18.59 5.85 9.61
CA LEU A 256 -17.15 6.07 9.67
C LEU A 256 -16.78 7.38 10.35
N LYS A 257 -17.49 8.45 9.98
CA LYS A 257 -17.22 9.78 10.49
C LYS A 257 -17.35 9.84 12.02
N VAL A 258 -18.32 9.10 12.55
CA VAL A 258 -18.53 9.00 13.99
C VAL A 258 -17.37 8.31 14.71
N ARG A 259 -16.92 7.20 14.13
CA ARG A 259 -15.83 6.45 14.72
C ARG A 259 -14.52 7.25 14.66
N GLN A 260 -14.32 8.01 13.59
CA GLN A 260 -13.13 8.87 13.49
C GLN A 260 -13.23 10.01 14.51
N ALA A 261 -14.42 10.58 14.64
CA ALA A 261 -14.65 11.65 15.60
C ALA A 261 -14.37 11.17 17.03
N LEU A 262 -14.85 9.98 17.37
CA LEU A 262 -14.66 9.44 18.71
C LEU A 262 -13.18 9.17 18.99
N ASN A 263 -12.43 8.80 17.96
CA ASN A 263 -10.99 8.61 18.13
C ASN A 263 -10.27 9.93 18.43
N TYR A 264 -10.69 11.01 17.78
CA TYR A 264 -10.10 12.33 18.00
C TYR A 264 -10.38 12.90 19.40
N ALA A 265 -11.40 12.39 20.07
CA ALA A 265 -11.82 12.95 21.36
C ALA A 265 -10.97 12.52 22.55
N VAL A 266 -10.11 11.53 22.36
CA VAL A 266 -9.42 10.91 23.50
C VAL A 266 -7.95 11.31 23.65
N ASP A 267 -7.59 11.75 24.85
CA ASP A 267 -6.21 12.09 25.19
C ASP A 267 -5.54 10.87 25.84
N LYS A 268 -4.94 10.04 24.99
CA LYS A 268 -4.38 8.77 25.44
C LYS A 268 -3.15 8.94 26.32
N GLU A 269 -2.38 10.00 26.10
CA GLU A 269 -1.22 10.27 26.95
C GLU A 269 -1.66 10.60 28.36
N SER A 270 -2.74 11.37 28.47
CA SER A 270 -3.33 11.69 29.77
C SER A 270 -3.75 10.42 30.48
N ILE A 271 -4.38 9.52 29.72
CA ILE A 271 -4.80 8.23 30.25
C ILE A 271 -3.64 7.40 30.77
N VAL A 272 -2.60 7.25 29.94
CA VAL A 272 -1.46 6.42 30.27
C VAL A 272 -0.68 6.97 31.47
N LYS A 273 -0.43 8.27 31.46
CA LYS A 273 0.33 8.93 32.51
C LYS A 273 -0.39 8.84 33.86
N ASN A 274 -1.64 9.30 33.88
CA ASN A 274 -2.36 9.45 35.13
C ASN A 274 -2.98 8.16 35.64
N LEU A 275 -3.68 7.44 34.76
CA LEU A 275 -4.35 6.20 35.16
C LEU A 275 -3.41 5.00 35.31
N LEU A 276 -2.41 4.88 34.44
CA LEU A 276 -1.58 3.69 34.44
C LEU A 276 -0.18 3.87 35.01
N HIS A 277 0.14 5.10 35.42
CA HIS A 277 1.40 5.39 36.11
C HIS A 277 2.63 4.92 35.32
N ASP A 278 2.63 5.20 34.01
CA ASP A 278 3.71 4.81 33.12
C ASP A 278 4.00 3.31 33.15
N TYR A 279 2.99 2.50 33.43
CA TYR A 279 3.10 1.05 33.32
C TYR A 279 2.52 0.64 31.98
N ALA A 280 2.65 1.53 31.01
CA ALA A 280 2.01 1.37 29.73
C ALA A 280 2.56 2.37 28.74
N PHE A 281 2.15 2.24 27.48
CA PHE A 281 2.38 3.29 26.50
C PHE A 281 1.17 3.37 25.57
N VAL A 282 1.00 4.53 24.94
CA VAL A 282 -0.15 4.81 24.10
C VAL A 282 -0.22 3.87 22.90
N ALA A 283 -1.39 3.26 22.69
CA ALA A 283 -1.58 2.34 21.57
C ALA A 283 -2.25 3.05 20.41
N ASN A 284 -1.87 2.66 19.19
CA ASN A 284 -2.51 3.18 17.99
C ASN A 284 -2.98 2.08 17.03
N HIS A 285 -2.39 0.90 17.12
CA HIS A 285 -2.75 -0.23 16.29
C HIS A 285 -2.33 -1.54 16.98
N PRO A 286 -2.79 -2.70 16.48
CA PRO A 286 -2.62 -3.91 17.31
C PRO A 286 -1.30 -4.67 17.14
N LEU A 287 -0.29 -4.11 16.48
CA LEU A 287 0.96 -4.85 16.26
C LEU A 287 2.21 -4.07 16.66
N GLU A 288 2.09 -3.21 17.68
CA GLU A 288 3.20 -2.31 18.03
C GLU A 288 4.35 -2.97 18.80
N ARG A 289 4.20 -4.25 19.17
CA ARG A 289 5.33 -4.99 19.72
C ARG A 289 5.82 -6.06 18.74
N SER A 290 5.30 -6.02 17.51
CA SER A 290 5.63 -7.03 16.52
C SER A 290 6.71 -6.55 15.56
N TRP A 291 7.37 -7.47 14.89
CA TRP A 291 8.27 -7.11 13.81
C TRP A 291 7.44 -6.57 12.64
N ALA A 292 6.16 -6.92 12.64
CA ALA A 292 5.26 -6.50 11.60
C ALA A 292 4.85 -5.02 11.74
N ASN A 293 5.30 -4.39 12.82
CA ASN A 293 5.05 -2.96 13.04
C ASN A 293 5.73 -2.11 11.98
N SER A 294 4.95 -1.30 11.27
CA SER A 294 5.49 -0.47 10.19
C SER A 294 6.33 0.69 10.72
N LYS A 295 6.01 1.17 11.93
CA LYS A 295 6.70 2.31 12.53
C LYS A 295 6.67 3.49 11.57
N ASN A 296 5.56 3.58 10.83
CA ASN A 296 5.37 4.60 9.81
C ASN A 296 3.89 4.60 9.43
N PHE A 297 3.06 5.07 10.35
CA PHE A 297 1.61 4.99 10.21
C PHE A 297 0.95 6.27 10.72
N LYS A 298 -0.17 6.65 10.11
CA LYS A 298 -0.90 7.80 10.61
C LYS A 298 -1.51 7.47 11.96
N ILE A 299 -1.85 8.50 12.71
CA ILE A 299 -2.55 8.31 13.96
C ILE A 299 -3.73 9.25 14.03
N TYR A 300 -4.63 8.99 14.97
CA TYR A 300 -5.68 9.94 15.33
C TYR A 300 -5.16 10.66 16.54
N LYS A 301 -4.92 11.96 16.40
CA LYS A 301 -4.31 12.71 17.47
C LYS A 301 -5.40 13.42 18.27
N TYR A 302 -5.17 13.56 19.56
CA TYR A 302 -6.13 14.19 20.46
C TYR A 302 -6.50 15.60 19.99
N ASP A 303 -7.71 15.75 19.46
CA ASP A 303 -8.17 17.05 18.98
C ASP A 303 -9.69 17.14 18.95
N PRO A 304 -10.28 17.63 20.05
CA PRO A 304 -11.73 17.73 20.24
C PRO A 304 -12.49 18.53 19.17
N LYS A 305 -11.92 19.61 18.63
CA LYS A 305 -12.68 20.37 17.64
C LYS A 305 -12.68 19.67 16.28
N LYS A 306 -11.59 18.99 15.93
CA LYS A 306 -11.59 18.12 14.74
C LYS A 306 -12.71 17.11 14.91
N ALA A 307 -12.83 16.58 16.12
CA ALA A 307 -13.87 15.61 16.44
C ALA A 307 -15.26 16.20 16.21
N GLU A 308 -15.52 17.35 16.85
CA GLU A 308 -16.82 18.00 16.77
C GLU A 308 -17.16 18.39 15.34
N ASP A 309 -16.14 18.84 14.60
CA ASP A 309 -16.33 19.24 13.22
C ASP A 309 -16.69 18.05 12.33
N LEU A 310 -16.10 16.89 12.62
CA LEU A 310 -16.43 15.65 11.90
C LEU A 310 -17.90 15.27 12.08
N LEU A 311 -18.39 15.43 13.29
CA LEU A 311 -19.77 15.07 13.62
C LEU A 311 -20.77 15.96 12.89
N VAL A 312 -20.43 17.24 12.74
CA VAL A 312 -21.26 18.15 11.97
C VAL A 312 -21.31 17.69 10.52
N SER A 313 -20.14 17.38 9.97
CA SER A 313 -20.02 16.87 8.61
C SER A 313 -20.87 15.62 8.40
N ALA A 314 -20.89 14.75 9.39
CA ALA A 314 -21.66 13.51 9.31
C ALA A 314 -23.16 13.79 9.25
N GLY A 315 -23.58 14.97 9.72
CA GLY A 315 -24.97 15.35 9.64
C GLY A 315 -25.63 15.49 10.99
N PHE A 316 -24.82 15.68 12.02
CA PHE A 316 -25.35 15.84 13.37
C PHE A 316 -25.51 17.33 13.69
N LYS A 317 -26.65 17.71 14.24
CA LYS A 317 -26.83 19.07 14.73
C LYS A 317 -26.75 19.08 16.24
N LYS A 318 -26.11 20.09 16.80
CA LYS A 318 -26.13 20.26 18.24
C LYS A 318 -27.51 20.74 18.65
N ASN A 319 -27.96 20.32 19.81
CA ASN A 319 -29.26 20.76 20.32
C ASN A 319 -29.10 21.76 21.45
N LYS A 320 -30.20 22.07 22.13
CA LYS A 320 -30.17 23.06 23.20
C LYS A 320 -29.33 22.62 24.40
N ASP A 321 -29.23 21.30 24.58
CA ASP A 321 -28.45 20.76 25.68
C ASP A 321 -26.96 20.74 25.34
N GLY A 322 -26.65 20.99 24.07
CA GLY A 322 -25.29 20.99 23.57
C GLY A 322 -24.79 19.61 23.19
N ASN A 323 -25.73 18.72 22.93
CA ASN A 323 -25.43 17.36 22.51
C ASN A 323 -25.85 17.15 21.08
N PHE A 324 -25.08 16.35 20.35
CA PHE A 324 -25.36 16.14 18.93
C PHE A 324 -26.61 15.30 18.72
N GLU A 325 -27.41 15.70 17.74
CA GLU A 325 -28.59 14.95 17.34
C GLU A 325 -28.57 14.80 15.84
N LYS A 326 -29.24 13.77 15.35
CA LYS A 326 -29.35 13.55 13.92
C LYS A 326 -30.70 12.97 13.55
N ASP A 327 -31.41 13.69 12.70
CA ASP A 327 -32.75 13.30 12.28
C ASP A 327 -33.65 12.99 13.48
N GLY A 328 -33.58 13.86 14.48
CA GLY A 328 -34.45 13.79 15.64
C GLY A 328 -34.02 12.86 16.75
N LYS A 329 -32.88 12.20 16.59
CA LYS A 329 -32.39 11.27 17.61
C LYS A 329 -30.96 11.58 18.05
N ILE A 330 -30.78 11.67 19.36
CA ILE A 330 -29.49 11.98 19.98
C ILE A 330 -28.43 10.92 19.72
N LEU A 331 -27.19 11.35 19.51
CA LEU A 331 -26.06 10.43 19.38
C LEU A 331 -25.77 9.83 20.74
N GLU A 332 -26.34 8.66 20.98
CA GLU A 332 -26.25 8.02 22.27
C GLU A 332 -25.92 6.53 22.10
N PHE A 333 -25.05 6.01 22.95
CA PHE A 333 -24.77 4.57 23.01
C PHE A 333 -24.15 4.20 24.36
N GLU A 334 -24.01 2.91 24.63
CA GLU A 334 -23.48 2.43 25.90
C GLU A 334 -22.03 1.97 25.80
N ILE A 335 -21.29 2.13 26.89
CA ILE A 335 -19.92 1.61 27.00
C ILE A 335 -19.89 0.53 28.08
N TRP A 336 -19.63 -0.72 27.67
CA TRP A 336 -19.61 -1.82 28.61
C TRP A 336 -18.19 -2.16 29.04
N ALA A 337 -18.02 -2.41 30.34
CA ALA A 337 -16.74 -2.82 30.87
C ALA A 337 -16.93 -3.93 31.88
N MET A 338 -15.93 -4.80 31.96
CA MET A 338 -15.94 -5.88 32.93
C MET A 338 -15.65 -5.28 34.31
N SER A 339 -16.64 -5.35 35.19
CA SER A 339 -16.57 -4.68 36.48
C SER A 339 -15.51 -5.28 37.38
N ASN A 340 -15.07 -6.49 37.06
CA ASN A 340 -14.00 -7.14 37.80
C ASN A 340 -12.61 -6.62 37.44
N ASP A 341 -12.53 -5.78 36.40
CA ASP A 341 -11.26 -5.23 35.94
C ASP A 341 -11.25 -3.72 36.11
N PRO A 342 -10.68 -3.23 37.21
CA PRO A 342 -10.73 -1.81 37.57
C PRO A 342 -10.15 -0.93 36.47
N LEU A 343 -9.12 -1.42 35.77
CA LEU A 343 -8.53 -0.65 34.68
C LEU A 343 -9.55 -0.40 33.58
N ARG A 344 -10.32 -1.44 33.24
CA ARG A 344 -11.34 -1.28 32.20
C ARG A 344 -12.47 -0.35 32.63
N VAL A 345 -12.92 -0.47 33.87
CA VAL A 345 -13.97 0.41 34.36
C VAL A 345 -13.48 1.85 34.32
N SER A 346 -12.27 2.06 34.82
CA SER A 346 -11.68 3.40 34.83
C SER A 346 -11.51 3.94 33.41
N LEU A 347 -11.06 3.10 32.49
CA LEU A 347 -10.89 3.52 31.10
C LEU A 347 -12.23 3.89 30.47
N ALA A 348 -13.27 3.10 30.76
CA ALA A 348 -14.61 3.39 30.24
C ALA A 348 -15.15 4.71 30.80
N GLY A 349 -14.84 4.97 32.07
CA GLY A 349 -15.25 6.20 32.71
C GLY A 349 -14.60 7.42 32.08
N ILE A 350 -13.32 7.30 31.78
CA ILE A 350 -12.58 8.40 31.16
C ILE A 350 -13.12 8.62 29.75
N LEU A 351 -13.38 7.53 29.04
CA LEU A 351 -13.91 7.62 27.68
C LEU A 351 -15.25 8.37 27.67
N GLN A 352 -16.12 8.06 28.63
CA GLN A 352 -17.42 8.72 28.73
C GLN A 352 -17.27 10.23 28.91
N SER A 353 -16.30 10.62 29.73
CA SER A 353 -16.04 12.03 30.01
C SER A 353 -15.48 12.75 28.80
N GLU A 354 -14.62 12.08 28.04
CA GLU A 354 -14.07 12.69 26.83
C GLU A 354 -15.18 12.89 25.82
N PHE A 355 -16.07 11.91 25.71
CA PHE A 355 -17.14 11.93 24.71
C PHE A 355 -18.16 13.05 24.99
N ARG A 356 -18.46 13.29 26.26
CA ARG A 356 -19.39 14.33 26.62
C ARG A 356 -18.84 15.71 26.27
N LYS A 357 -17.54 15.91 26.54
CA LYS A 357 -16.90 17.19 26.24
C LYS A 357 -17.00 17.56 24.76
N ILE A 358 -17.27 16.58 23.91
CA ILE A 358 -17.52 16.87 22.50
C ILE A 358 -18.99 16.61 22.16
N GLY A 359 -19.83 16.57 23.19
CA GLY A 359 -21.26 16.45 23.00
C GLY A 359 -21.76 15.09 22.57
N VAL A 360 -21.09 14.03 23.03
CA VAL A 360 -21.59 12.69 22.77
C VAL A 360 -22.06 12.06 24.07
N VAL A 361 -23.34 11.68 24.11
CA VAL A 361 -23.91 11.10 25.32
C VAL A 361 -23.66 9.60 25.37
N SER A 362 -23.01 9.14 26.42
CA SER A 362 -22.78 7.71 26.59
C SER A 362 -23.09 7.26 28.01
N LYS A 363 -23.37 5.97 28.16
CA LYS A 363 -23.69 5.36 29.44
C LYS A 363 -22.69 4.25 29.70
N VAL A 364 -22.02 4.30 30.86
CA VAL A 364 -21.08 3.24 31.21
C VAL A 364 -21.79 2.11 31.94
N VAL A 365 -21.72 0.90 31.38
CA VAL A 365 -22.32 -0.27 32.03
C VAL A 365 -21.22 -1.22 32.50
N ALA A 366 -21.11 -1.36 33.82
CA ALA A 366 -20.09 -2.25 34.38
C ALA A 366 -20.73 -3.51 34.95
N LYS A 367 -20.47 -4.64 34.29
CA LYS A 367 -20.97 -5.93 34.75
C LYS A 367 -19.82 -6.93 34.77
N PRO A 368 -19.91 -7.96 35.63
CA PRO A 368 -18.86 -8.98 35.72
C PRO A 368 -18.61 -9.72 34.40
N ALA A 369 -17.34 -10.08 34.15
CA ALA A 369 -17.01 -10.86 32.97
C ALA A 369 -17.81 -12.17 32.97
N GLY A 370 -18.38 -12.51 31.82
CA GLY A 370 -19.19 -13.71 31.69
C GLY A 370 -20.67 -13.49 31.94
N SER A 371 -21.05 -12.34 32.48
CA SER A 371 -22.46 -12.07 32.75
C SER A 371 -23.24 -11.48 31.56
N PHE A 372 -22.56 -11.13 30.49
CA PHE A 372 -23.21 -10.55 29.33
C PHE A 372 -22.46 -10.87 28.03
N ASP A 373 -23.15 -10.68 26.90
CA ASP A 373 -22.61 -10.94 25.59
C ASP A 373 -22.04 -9.66 25.00
N TYR A 374 -20.72 -9.53 25.02
CA TYR A 374 -20.09 -8.29 24.58
C TYR A 374 -20.15 -8.08 23.07
N SER A 375 -20.54 -9.11 22.32
CA SER A 375 -20.72 -8.98 20.88
C SER A 375 -22.09 -8.36 20.53
N LYS A 376 -22.91 -8.07 21.54
CA LYS A 376 -24.23 -7.48 21.30
C LYS A 376 -24.42 -6.11 21.95
N VAL A 377 -23.39 -5.61 22.62
CA VAL A 377 -23.49 -4.29 23.25
C VAL A 377 -22.99 -3.23 22.28
N ASP A 378 -23.35 -1.96 22.52
CA ASP A 378 -23.00 -0.88 21.60
C ASP A 378 -21.49 -0.75 21.43
N SER A 379 -20.77 -0.77 22.55
CA SER A 379 -19.33 -0.66 22.52
C SER A 379 -18.78 -1.36 23.76
N PHE A 380 -17.53 -1.78 23.71
CA PHE A 380 -16.98 -2.66 24.73
C PHE A 380 -15.51 -2.38 24.95
N LEU A 381 -15.12 -2.25 26.21
CA LEU A 381 -13.72 -2.05 26.49
C LEU A 381 -12.97 -3.38 26.39
N ILE A 382 -12.35 -3.58 25.23
CA ILE A 382 -11.83 -4.86 24.81
C ILE A 382 -10.32 -4.90 24.98
N GLY A 383 -9.76 -6.11 24.86
CA GLY A 383 -8.32 -6.31 24.86
C GLY A 383 -7.91 -7.50 24.01
N TRP A 384 -6.73 -7.40 23.41
CA TRP A 384 -6.11 -8.48 22.64
C TRP A 384 -4.60 -8.31 22.62
N GLY A 385 -3.89 -9.28 22.07
CA GLY A 385 -2.47 -9.09 21.83
C GLY A 385 -1.64 -10.34 22.01
N SER A 386 -0.80 -10.63 21.03
CA SER A 386 0.05 -11.80 21.05
C SER A 386 1.50 -11.43 20.75
N PRO A 387 2.44 -12.03 21.52
CA PRO A 387 3.87 -11.86 21.30
C PRO A 387 4.38 -12.80 20.21
N LEU A 388 3.50 -13.64 19.68
CA LEU A 388 3.88 -14.56 18.62
C LEU A 388 3.63 -13.92 17.25
N ASP A 389 3.37 -14.76 16.25
CA ASP A 389 3.17 -14.27 14.89
C ASP A 389 2.04 -13.25 14.83
N PRO A 390 2.23 -12.18 14.05
CA PRO A 390 1.26 -11.08 13.91
C PRO A 390 -0.12 -11.56 13.45
N ASP A 391 -0.18 -12.72 12.81
CA ASP A 391 -1.45 -13.27 12.35
C ASP A 391 -2.37 -13.70 13.51
N PHE A 392 -1.79 -14.09 14.64
CA PHE A 392 -2.54 -14.84 15.65
C PHE A 392 -3.67 -14.06 16.32
N HIS A 393 -3.45 -12.78 16.65
CA HIS A 393 -4.54 -12.00 17.19
C HIS A 393 -5.01 -10.92 16.22
N THR A 394 -4.79 -11.14 14.93
CA THR A 394 -5.34 -10.21 13.94
C THR A 394 -6.40 -10.88 13.07
N PHE A 395 -6.12 -12.09 12.56
CA PHE A 395 -7.06 -12.73 11.64
C PHE A 395 -8.43 -12.99 12.26
N ARG A 396 -8.45 -13.72 13.37
CA ARG A 396 -9.72 -14.03 14.04
C ARG A 396 -10.41 -12.79 14.60
N VAL A 397 -9.63 -11.73 14.84
CA VAL A 397 -10.15 -10.52 15.47
C VAL A 397 -10.71 -9.50 14.46
N PHE A 398 -10.07 -9.38 13.30
CA PHE A 398 -10.43 -8.31 12.35
C PHE A 398 -10.98 -8.77 10.99
N GLU A 399 -10.65 -9.99 10.58
CA GLU A 399 -11.06 -10.47 9.26
C GLU A 399 -12.55 -10.76 9.24
N SER A 400 -13.22 -10.43 8.14
CA SER A 400 -14.68 -10.39 8.11
C SER A 400 -15.33 -11.77 8.24
N SER A 401 -14.68 -12.82 7.75
CA SER A 401 -15.22 -14.17 7.90
C SER A 401 -15.19 -14.61 9.36
N GLN A 402 -14.53 -13.84 10.22
CA GLN A 402 -14.43 -14.20 11.64
C GLN A 402 -15.43 -13.45 12.53
N ASP A 403 -16.40 -12.81 11.89
CA ASP A 403 -17.53 -12.17 12.59
C ASP A 403 -18.21 -13.21 13.49
N SER A 404 -18.24 -12.93 14.80
CA SER A 404 -18.71 -13.93 15.78
C SER A 404 -20.19 -14.24 15.61
N ALA A 405 -20.93 -13.33 14.99
CA ALA A 405 -22.33 -13.57 14.71
C ALA A 405 -22.46 -14.57 13.57
N LEU A 406 -21.44 -14.63 12.71
CA LEU A 406 -21.40 -15.52 11.55
C LEU A 406 -20.57 -16.78 11.77
N ASN A 407 -19.61 -16.70 12.69
CA ASN A 407 -18.66 -17.78 12.97
C ASN A 407 -18.51 -17.98 14.48
N ASP A 408 -18.97 -19.12 15.01
CA ASP A 408 -18.94 -19.38 16.45
C ASP A 408 -17.53 -19.38 17.05
N GLU A 409 -16.53 -19.57 16.19
CA GLU A 409 -15.15 -19.57 16.66
C GLU A 409 -14.41 -18.30 16.23
N GLY A 410 -15.15 -17.32 15.72
CA GLY A 410 -14.56 -16.04 15.35
C GLY A 410 -14.34 -15.14 16.55
N TRP A 411 -13.39 -14.20 16.45
CA TRP A 411 -13.17 -13.24 17.53
C TRP A 411 -13.52 -11.81 17.11
N ASN A 412 -14.19 -11.67 15.97
CA ASN A 412 -14.61 -10.37 15.47
C ASN A 412 -15.94 -9.99 16.12
N PHE A 413 -15.87 -9.58 17.39
CA PHE A 413 -17.04 -9.37 18.22
C PHE A 413 -17.80 -8.08 17.84
N GLY A 414 -17.12 -7.15 17.18
CA GLY A 414 -17.76 -5.92 16.77
C GLY A 414 -18.36 -5.99 15.37
N HIS A 415 -18.28 -7.16 14.76
CA HIS A 415 -18.86 -7.41 13.44
C HIS A 415 -18.29 -6.46 12.38
N TYR A 416 -16.98 -6.28 12.44
CA TYR A 416 -16.24 -5.41 11.53
C TYR A 416 -15.98 -6.07 10.17
N HIS A 417 -16.25 -5.34 9.10
CA HIS A 417 -16.12 -5.84 7.73
C HIS A 417 -15.40 -4.81 6.86
N ASP A 418 -14.13 -5.06 6.57
CA ASP A 418 -13.36 -4.18 5.71
C ASP A 418 -12.61 -5.00 4.67
N LYS A 419 -12.86 -4.70 3.39
CA LYS A 419 -12.30 -5.48 2.30
C LYS A 419 -10.77 -5.41 2.24
N LYS A 420 -10.23 -4.24 2.56
CA LYS A 420 -8.78 -4.04 2.54
C LYS A 420 -8.09 -4.77 3.68
N VAL A 421 -8.73 -4.82 4.84
CA VAL A 421 -8.21 -5.58 5.96
C VAL A 421 -8.19 -7.07 5.62
N ASP A 422 -9.30 -7.56 5.04
CA ASP A 422 -9.42 -8.96 4.65
C ASP A 422 -8.30 -9.39 3.70
N ILE A 423 -8.08 -8.61 2.65
CA ILE A 423 -7.06 -8.92 1.65
C ILE A 423 -5.66 -8.86 2.25
N ALA A 424 -5.40 -7.82 3.04
CA ALA A 424 -4.08 -7.64 3.62
C ALA A 424 -3.71 -8.77 4.60
N LEU A 425 -4.66 -9.18 5.42
CA LEU A 425 -4.40 -10.22 6.42
C LEU A 425 -4.24 -11.60 5.78
N GLN A 426 -5.02 -11.87 4.73
CA GLN A 426 -4.93 -13.15 4.05
C GLN A 426 -3.63 -13.30 3.27
N LYS A 427 -3.25 -12.23 2.56
CA LYS A 427 -2.01 -12.24 1.80
C LYS A 427 -0.80 -12.27 2.73
N ALA A 428 -0.91 -11.57 3.86
CA ALA A 428 0.18 -11.55 4.83
C ALA A 428 0.41 -12.92 5.46
N ARG A 429 -0.68 -13.64 5.74
CA ARG A 429 -0.54 -14.94 6.39
C ARG A 429 -0.15 -16.03 5.39
N ASN A 430 -0.28 -15.73 4.09
CA ASN A 430 0.09 -16.73 3.08
C ASN A 430 1.31 -16.33 2.26
N THR A 431 2.14 -15.45 2.81
CA THR A 431 3.34 -15.02 2.10
C THR A 431 4.59 -15.45 2.86
N SER A 432 5.50 -16.15 2.19
CA SER A 432 6.70 -16.62 2.89
C SER A 432 7.69 -15.49 3.15
N ASN A 433 7.89 -14.62 2.16
CA ASN A 433 8.90 -13.57 2.29
C ASN A 433 8.55 -12.59 3.41
N LEU A 434 9.52 -12.39 4.32
CA LEU A 434 9.32 -11.57 5.51
C LEU A 434 9.05 -10.11 5.19
N GLU A 435 9.83 -9.55 4.26
CA GLU A 435 9.66 -8.16 3.88
C GLU A 435 8.29 -7.96 3.23
N GLU A 436 7.87 -8.96 2.43
CA GLU A 436 6.57 -8.90 1.81
C GLU A 436 5.45 -9.00 2.84
N ARG A 437 5.69 -9.79 3.89
CA ARG A 437 4.74 -9.88 4.99
C ARG A 437 4.58 -8.52 5.66
N LYS A 438 5.71 -7.86 5.89
CA LYS A 438 5.72 -6.54 6.54
C LYS A 438 4.93 -5.52 5.72
N LYS A 439 5.01 -5.64 4.40
CA LYS A 439 4.27 -4.75 3.51
C LYS A 439 2.76 -4.96 3.64
N TYR A 440 2.33 -6.22 3.66
CA TYR A 440 0.92 -6.53 3.80
C TYR A 440 0.37 -6.15 5.17
N TYR A 441 1.20 -6.24 6.22
CA TYR A 441 0.75 -5.83 7.54
C TYR A 441 0.78 -4.30 7.63
N LYS A 442 1.63 -3.67 6.83
CA LYS A 442 1.57 -2.22 6.71
C LYS A 442 0.24 -1.81 6.09
N ASP A 443 -0.16 -2.51 5.04
CA ASP A 443 -1.45 -2.26 4.42
C ASP A 443 -2.58 -2.42 5.43
N PHE A 444 -2.46 -3.46 6.26
CA PHE A 444 -3.47 -3.78 7.28
C PHE A 444 -3.61 -2.64 8.28
N ILE A 445 -2.47 -2.18 8.79
CA ILE A 445 -2.45 -1.07 9.73
C ILE A 445 -3.02 0.22 9.09
N ASP A 446 -2.64 0.47 7.85
CA ASP A 446 -3.15 1.65 7.15
C ASP A 446 -4.66 1.51 6.94
N ALA A 447 -5.10 0.29 6.62
CA ALA A 447 -6.52 0.04 6.40
C ALA A 447 -7.31 0.26 7.69
N LEU A 448 -6.71 -0.13 8.81
CA LEU A 448 -7.33 0.09 10.11
C LEU A 448 -7.48 1.59 10.40
N TYR A 449 -6.50 2.39 9.98
CA TYR A 449 -6.58 3.82 10.21
C TYR A 449 -7.74 4.45 9.46
N GLU A 450 -7.87 4.09 8.18
CA GLU A 450 -8.90 4.68 7.32
C GLU A 450 -10.32 4.21 7.68
N ASN A 451 -10.43 3.08 8.36
CA ASN A 451 -11.73 2.54 8.77
C ASN A 451 -11.64 1.90 10.16
N PRO A 452 -11.56 2.73 11.21
CA PRO A 452 -11.26 2.26 12.57
C PRO A 452 -12.35 1.40 13.20
N PRO A 453 -12.00 0.13 13.52
CA PRO A 453 -12.91 -0.75 14.27
C PRO A 453 -12.88 -0.46 15.76
N PHE A 454 -11.79 0.14 16.22
CA PHE A 454 -11.55 0.39 17.64
C PHE A 454 -11.24 1.88 17.90
N ILE A 455 -11.15 2.22 19.18
CA ILE A 455 -10.29 3.30 19.64
C ILE A 455 -9.15 2.64 20.40
N PHE A 456 -8.00 2.50 19.77
CA PHE A 456 -6.86 1.93 20.47
C PHE A 456 -6.44 2.89 21.58
N LEU A 457 -6.08 2.35 22.75
CA LEU A 457 -5.79 3.16 23.92
C LEU A 457 -4.37 2.98 24.46
N ALA A 458 -4.05 1.79 24.96
CA ALA A 458 -2.77 1.57 25.62
C ALA A 458 -2.29 0.13 25.58
N TYR A 459 -0.99 -0.05 25.37
CA TYR A 459 -0.36 -1.36 25.61
C TYR A 459 -0.02 -1.45 27.07
N LEU A 460 -0.22 -2.62 27.65
CA LEU A 460 -0.05 -2.78 29.09
C LEU A 460 1.23 -3.53 29.47
N ASP A 461 1.86 -3.10 30.55
CA ASP A 461 2.85 -3.90 31.24
C ASP A 461 2.15 -4.64 32.38
N PHE A 462 2.69 -5.76 32.81
CA PHE A 462 2.10 -6.51 33.91
C PHE A 462 3.06 -6.66 35.07
N ALA A 463 2.50 -6.86 36.25
CA ALA A 463 3.27 -7.01 37.47
C ALA A 463 3.02 -8.37 38.08
N LEU A 464 4.06 -9.18 38.17
CA LEU A 464 3.95 -10.47 38.82
C LEU A 464 4.39 -10.35 40.28
N VAL A 465 3.45 -10.59 41.20
CA VAL A 465 3.77 -10.58 42.61
C VAL A 465 3.92 -12.03 43.05
N TYR A 466 5.07 -12.34 43.65
CA TYR A 466 5.40 -13.74 43.97
C TYR A 466 5.99 -13.94 45.36
N ASN A 467 5.77 -15.12 45.92
CA ASN A 467 6.44 -15.55 47.14
C ASN A 467 7.96 -15.47 46.96
N LYS A 468 8.64 -14.77 47.86
CA LYS A 468 10.07 -14.51 47.65
C LYS A 468 10.90 -15.78 47.82
N ASP A 469 10.31 -16.83 48.39
CA ASP A 469 10.95 -18.13 48.50
C ASP A 469 11.03 -18.83 47.13
N LEU A 470 10.31 -18.31 46.14
CA LEU A 470 10.25 -18.91 44.80
C LEU A 470 11.56 -18.77 44.02
N LYS A 471 12.00 -19.90 43.46
CA LYS A 471 13.21 -19.97 42.66
C LYS A 471 12.90 -20.36 41.22
N GLY A 472 13.64 -19.79 40.27
CA GLY A 472 13.57 -20.25 38.89
C GLY A 472 12.63 -19.50 37.96
N ILE A 473 12.04 -18.41 38.44
CA ILE A 473 11.13 -17.60 37.62
C ILE A 473 11.86 -16.80 36.54
N LYS A 474 11.39 -16.88 35.31
CA LYS A 474 11.91 -16.05 34.22
C LYS A 474 10.82 -15.23 33.55
N THR A 475 11.11 -13.96 33.29
CA THR A 475 10.18 -13.08 32.59
C THR A 475 10.37 -13.18 31.07
N ARG A 476 9.34 -12.78 30.34
CA ARG A 476 9.41 -12.65 28.88
C ARG A 476 8.20 -11.85 28.42
N THR A 477 8.15 -11.53 27.14
CA THR A 477 7.04 -10.78 26.58
C THR A 477 5.74 -11.56 26.74
N LEU A 478 4.81 -10.99 27.51
CA LEU A 478 3.55 -11.68 27.80
C LEU A 478 2.53 -11.43 26.70
N GLY A 479 1.50 -12.27 26.67
CA GLY A 479 0.39 -12.08 25.77
C GLY A 479 -0.81 -11.44 26.48
N HIS A 480 -1.96 -11.50 25.81
CA HIS A 480 -3.22 -10.96 26.30
C HIS A 480 -3.58 -11.53 27.69
N HIS A 481 -4.00 -10.65 28.60
CA HIS A 481 -4.29 -10.98 30.01
C HIS A 481 -3.05 -11.42 30.79
N GLY A 482 -1.87 -11.27 30.19
CA GLY A 482 -0.66 -11.70 30.86
C GLY A 482 -0.41 -13.19 30.70
N VAL A 483 -1.21 -13.85 29.86
CA VAL A 483 -0.99 -15.26 29.55
C VAL A 483 0.44 -15.49 29.10
N GLY A 484 1.08 -16.48 29.71
CA GLY A 484 2.47 -16.80 29.40
C GLY A 484 3.40 -16.54 30.56
N PHE A 485 2.87 -15.96 31.65
CA PHE A 485 3.76 -15.65 32.77
C PHE A 485 4.13 -16.92 33.54
N THR A 486 3.41 -18.00 33.27
CA THR A 486 3.71 -19.30 33.87
C THR A 486 4.42 -20.23 32.87
N TRP A 487 5.04 -19.66 31.84
CA TRP A 487 5.61 -20.46 30.74
C TRP A 487 6.71 -21.42 31.20
N ASN A 488 7.45 -21.07 32.24
CA ASN A 488 8.53 -21.94 32.70
C ASN A 488 8.30 -22.43 34.13
N VAL A 489 7.04 -22.59 34.51
CA VAL A 489 6.66 -22.90 35.88
C VAL A 489 7.25 -24.24 36.38
N TYR A 490 7.62 -25.11 35.45
CA TYR A 490 8.26 -26.37 35.83
C TYR A 490 9.68 -26.15 36.34
N GLU A 491 10.20 -24.95 36.16
CA GLU A 491 11.49 -24.58 36.71
C GLU A 491 11.33 -23.94 38.08
N TRP A 492 10.08 -23.64 38.45
CA TRP A 492 9.81 -22.94 39.71
C TRP A 492 9.95 -23.86 40.91
N SER A 493 10.56 -23.36 41.98
CA SER A 493 10.68 -24.10 43.22
C SER A 493 10.87 -23.16 44.41
N LYS A 494 10.56 -23.65 45.61
CA LYS A 494 10.74 -22.84 46.81
C LYS A 494 11.82 -23.43 47.71
N ILE B 2 24.11 31.62 -41.17
CA ILE B 2 22.89 32.13 -40.57
C ILE B 2 23.10 33.52 -39.98
N PRO B 3 22.24 34.48 -40.34
CA PRO B 3 22.35 35.85 -39.82
C PRO B 3 22.21 35.90 -38.30
N LYS B 4 22.79 36.92 -37.68
CA LYS B 4 22.82 37.01 -36.22
C LYS B 4 21.44 37.18 -35.60
N ASP B 5 20.51 37.75 -36.37
CA ASP B 5 19.16 38.05 -35.87
C ASP B 5 18.17 36.92 -36.16
N THR B 6 18.69 35.77 -36.61
CA THR B 6 17.83 34.66 -36.99
C THR B 6 18.27 33.40 -36.24
N LEU B 7 17.30 32.67 -35.71
CA LEU B 7 17.61 31.44 -35.00
C LEU B 7 16.90 30.28 -35.73
N ILE B 8 17.66 29.22 -36.01
CA ILE B 8 17.11 28.04 -36.70
C ILE B 8 17.32 26.75 -35.90
N ILE B 9 16.21 26.16 -35.46
CA ILE B 9 16.24 24.94 -34.66
C ILE B 9 15.54 23.79 -35.37
N ALA B 10 16.11 22.59 -35.28
CA ALA B 10 15.48 21.40 -35.85
C ALA B 10 14.70 20.63 -34.79
N VAL B 11 13.50 20.19 -35.15
CA VAL B 11 12.71 19.30 -34.29
C VAL B 11 12.23 18.11 -35.10
N GLU B 12 12.05 16.97 -34.43
CA GLU B 12 11.64 15.75 -35.11
C GLU B 12 10.13 15.67 -35.37
N ASN B 13 9.34 16.29 -34.50
CA ASN B 13 7.88 16.16 -34.57
C ASN B 13 7.13 17.38 -35.10
N GLU B 14 6.12 17.12 -35.92
CA GLU B 14 5.26 18.16 -36.49
C GLU B 14 3.80 17.86 -36.11
N ILE B 15 2.97 18.88 -36.04
CA ILE B 15 1.55 18.71 -35.72
C ILE B 15 0.64 19.33 -36.77
N ALA B 16 -0.59 18.81 -36.87
CA ALA B 16 -1.55 19.31 -37.83
C ALA B 16 -2.23 20.61 -37.38
N ARG B 17 -2.48 20.74 -36.08
CA ARG B 17 -3.21 21.90 -35.57
C ARG B 17 -2.48 22.65 -34.47
N ILE B 18 -2.08 23.89 -34.76
CA ILE B 18 -1.35 24.68 -33.78
C ILE B 18 -2.36 25.35 -32.85
N ASN B 19 -2.78 24.60 -31.84
CA ASN B 19 -3.89 24.96 -30.96
C ASN B 19 -3.77 24.20 -29.66
N PRO B 20 -3.71 24.92 -28.53
CA PRO B 20 -3.53 24.29 -27.22
C PRO B 20 -4.59 23.24 -26.91
N ALA B 21 -5.77 23.40 -27.49
CA ALA B 21 -6.87 22.45 -27.28
C ALA B 21 -6.54 21.07 -27.85
N TYR B 22 -5.57 21.03 -28.76
CA TYR B 22 -5.22 19.77 -29.41
C TYR B 22 -3.76 19.42 -29.16
N SER B 23 -3.22 19.94 -28.07
CA SER B 23 -1.87 19.60 -27.64
C SER B 23 -1.82 18.15 -27.18
N GLU B 24 -0.81 17.42 -27.62
CA GLU B 24 -0.61 16.03 -27.19
C GLU B 24 0.85 15.84 -26.75
N ASP B 25 1.45 16.94 -26.29
CA ASP B 25 2.83 16.94 -25.82
C ASP B 25 3.78 16.37 -26.86
N HIS B 26 3.46 16.58 -28.13
CA HIS B 26 4.26 16.05 -29.23
C HIS B 26 4.73 17.17 -30.16
N ASP B 27 4.84 18.38 -29.64
CA ASP B 27 5.19 19.51 -30.49
C ASP B 27 5.99 20.57 -29.75
N ALA B 28 6.55 21.50 -30.51
CA ALA B 28 7.38 22.54 -29.94
C ALA B 28 6.84 23.93 -30.28
N VAL B 29 5.88 23.98 -31.20
CA VAL B 29 5.41 25.27 -31.71
C VAL B 29 4.30 25.91 -30.88
N ILE B 30 3.52 25.11 -30.17
CA ILE B 30 2.37 25.63 -29.42
C ILE B 30 2.83 26.49 -28.24
N ASN B 31 3.90 26.07 -27.57
CA ASN B 31 4.44 26.86 -26.46
C ASN B 31 5.17 28.12 -26.93
N LEU B 32 5.41 28.21 -28.23
CA LEU B 32 6.00 29.41 -28.83
C LEU B 32 4.94 30.46 -29.12
N VAL B 33 3.84 30.04 -29.74
CA VAL B 33 2.77 30.94 -30.11
C VAL B 33 1.89 31.32 -28.93
N PHE B 34 1.62 30.35 -28.06
CA PHE B 34 0.69 30.57 -26.96
C PHE B 34 1.41 30.62 -25.62
N SER B 35 0.73 31.18 -24.63
CA SER B 35 1.19 31.15 -23.25
C SER B 35 0.00 30.87 -22.34
N GLY B 36 0.25 30.15 -21.26
CA GLY B 36 -0.80 29.80 -20.32
C GLY B 36 -0.79 30.73 -19.13
N LEU B 37 -1.66 30.43 -18.16
CA LEU B 37 -1.69 31.22 -16.92
C LEU B 37 -0.40 31.02 -16.16
N THR B 38 0.18 29.83 -16.32
CA THR B 38 1.41 29.49 -15.63
C THR B 38 2.46 28.98 -16.62
N ARG B 39 3.67 28.75 -16.10
CA ARG B 39 4.79 28.29 -16.90
C ARG B 39 5.79 27.64 -15.96
N PHE B 40 6.85 27.05 -16.51
CA PHE B 40 7.85 26.40 -15.65
C PHE B 40 9.26 26.91 -15.92
N ASP B 41 10.09 27.01 -14.88
CA ASP B 41 11.46 27.50 -15.03
C ASP B 41 12.44 26.34 -15.27
N GLU B 42 13.73 26.62 -15.18
CA GLU B 42 14.76 25.60 -15.41
C GLU B 42 14.71 24.43 -14.41
N ASN B 43 14.02 24.65 -13.31
CA ASN B 43 13.93 23.63 -12.26
C ASN B 43 12.57 22.94 -12.28
N MET B 44 11.79 23.21 -13.34
CA MET B 44 10.43 22.70 -13.47
C MET B 44 9.54 23.23 -12.36
N SER B 45 9.87 24.41 -11.83
CA SER B 45 9.03 25.01 -10.80
C SER B 45 7.90 25.80 -11.44
N LEU B 46 6.71 25.69 -10.86
CA LEU B 46 5.55 26.43 -11.32
C LEU B 46 5.80 27.93 -11.15
N LYS B 47 5.64 28.69 -12.23
CA LYS B 47 5.84 30.14 -12.19
C LYS B 47 4.64 30.85 -12.79
N PRO B 48 4.42 32.11 -12.41
CA PRO B 48 3.36 32.89 -13.03
C PRO B 48 3.67 33.23 -14.50
N ASP B 49 2.65 33.20 -15.35
CA ASP B 49 2.79 33.63 -16.74
C ASP B 49 1.73 34.69 -17.05
N LEU B 50 0.63 34.30 -17.70
CA LEU B 50 -0.46 35.25 -17.96
C LEU B 50 -1.13 35.66 -16.66
N ALA B 51 -1.10 34.76 -15.69
CA ALA B 51 -1.63 35.02 -14.36
C ALA B 51 -0.50 35.52 -13.48
N LYS B 52 -0.68 36.69 -12.87
CA LYS B 52 0.37 37.24 -12.03
C LYS B 52 0.38 36.59 -10.65
N SER B 53 -0.77 36.10 -10.22
CA SER B 53 -0.87 35.41 -8.93
C SER B 53 -2.17 34.64 -8.78
N TRP B 54 -2.26 33.83 -7.73
CA TRP B 54 -3.45 33.04 -7.45
C TRP B 54 -3.64 32.75 -5.97
N ASP B 55 -4.89 32.47 -5.59
CA ASP B 55 -5.19 32.01 -4.24
C ASP B 55 -5.95 30.71 -4.34
N ILE B 56 -5.56 29.73 -3.53
CA ILE B 56 -6.22 28.44 -3.55
C ILE B 56 -6.85 28.19 -2.19
N SER B 57 -8.13 27.86 -2.16
CA SER B 57 -8.81 27.61 -0.90
C SER B 57 -8.19 26.44 -0.15
N LYS B 58 -8.53 26.32 1.12
CA LYS B 58 -7.92 25.31 1.98
C LYS B 58 -8.31 23.90 1.52
N ASP B 59 -9.51 23.78 0.97
CA ASP B 59 -10.03 22.49 0.51
C ASP B 59 -9.66 22.21 -0.95
N GLY B 60 -8.98 23.15 -1.59
CA GLY B 60 -8.52 22.96 -2.95
C GLY B 60 -9.60 22.99 -4.02
N LEU B 61 -10.79 23.48 -3.66
CA LEU B 61 -11.91 23.49 -4.60
C LEU B 61 -12.09 24.82 -5.31
N VAL B 62 -11.45 25.86 -4.81
CA VAL B 62 -11.63 27.20 -5.35
C VAL B 62 -10.31 27.85 -5.74
N TYR B 63 -10.18 28.24 -7.00
CA TYR B 63 -9.01 28.94 -7.48
C TYR B 63 -9.36 30.38 -7.81
N ASP B 64 -8.75 31.31 -7.08
CA ASP B 64 -8.87 32.71 -7.44
C ASP B 64 -7.61 33.11 -8.18
N ILE B 65 -7.77 33.46 -9.45
CA ILE B 65 -6.62 33.75 -10.29
C ILE B 65 -6.66 35.19 -10.77
N PHE B 66 -5.56 35.89 -10.54
CA PHE B 66 -5.47 37.31 -10.88
C PHE B 66 -4.59 37.49 -12.11
N LEU B 67 -5.12 38.17 -13.12
CA LEU B 67 -4.47 38.23 -14.43
C LEU B 67 -3.67 39.50 -14.64
N ARG B 68 -2.64 39.40 -15.48
CA ARG B 68 -1.95 40.59 -15.96
C ARG B 68 -2.89 41.43 -16.81
N ASP B 69 -2.73 42.75 -16.76
CA ASP B 69 -3.57 43.64 -17.54
C ASP B 69 -2.77 44.33 -18.66
N ASP B 70 -1.53 43.88 -18.86
CA ASP B 70 -0.65 44.46 -19.88
C ASP B 70 -0.31 43.46 -20.98
N VAL B 71 -1.20 42.51 -21.22
CA VAL B 71 -0.94 41.47 -22.20
C VAL B 71 -1.76 41.65 -23.48
N LEU B 72 -1.09 41.57 -24.62
CA LEU B 72 -1.76 41.68 -25.92
C LEU B 72 -1.73 40.36 -26.69
N TRP B 73 -2.82 40.05 -27.39
CA TRP B 73 -2.79 38.99 -28.38
C TRP B 73 -1.95 39.50 -29.55
N HIS B 74 -1.53 38.59 -30.41
CA HIS B 74 -0.64 38.97 -31.51
C HIS B 74 -1.31 39.92 -32.51
N ASP B 75 -2.63 39.99 -32.51
CA ASP B 75 -3.34 40.91 -33.40
C ASP B 75 -3.55 42.27 -32.75
N GLY B 76 -2.94 42.47 -31.58
CA GLY B 76 -3.05 43.75 -30.90
C GLY B 76 -4.26 43.87 -29.98
N VAL B 77 -5.12 42.86 -29.99
CA VAL B 77 -6.25 42.82 -29.07
C VAL B 77 -5.80 42.42 -27.65
N LYS B 78 -6.38 43.06 -26.65
CA LYS B 78 -5.94 42.88 -25.27
C LYS B 78 -6.42 41.54 -24.70
N PHE B 79 -5.53 40.88 -23.95
CA PHE B 79 -5.88 39.66 -23.21
C PHE B 79 -6.71 40.03 -22.00
N SER B 80 -7.79 39.29 -21.79
CA SER B 80 -8.70 39.57 -20.67
C SER B 80 -9.21 38.31 -20.00
N ALA B 81 -10.00 38.50 -18.94
CA ALA B 81 -10.58 37.38 -18.22
C ALA B 81 -11.56 36.62 -19.09
N ASP B 82 -12.15 37.33 -20.05
CA ASP B 82 -13.05 36.75 -21.05
C ASP B 82 -12.39 35.59 -21.76
N ASP B 83 -11.12 35.77 -22.14
CA ASP B 83 -10.37 34.74 -22.84
C ASP B 83 -10.18 33.49 -22.00
N VAL B 84 -9.94 33.69 -20.70
CA VAL B 84 -9.70 32.57 -19.79
C VAL B 84 -10.98 31.74 -19.63
N LYS B 85 -12.10 32.42 -19.43
CA LYS B 85 -13.36 31.70 -19.29
C LYS B 85 -13.67 30.94 -20.58
N PHE B 86 -13.48 31.58 -21.73
CA PHE B 86 -13.72 30.94 -23.02
C PHE B 86 -12.83 29.73 -23.25
N SER B 87 -11.55 29.90 -22.95
CA SER B 87 -10.56 28.84 -23.17
C SER B 87 -10.90 27.57 -22.40
N ILE B 88 -11.15 27.72 -21.11
CA ILE B 88 -11.43 26.57 -20.25
C ILE B 88 -12.70 25.86 -20.67
N GLU B 89 -13.73 26.65 -20.97
CA GLU B 89 -15.00 26.10 -21.43
C GLU B 89 -14.85 25.40 -22.78
N ALA B 90 -13.92 25.89 -23.61
CA ALA B 90 -13.67 25.24 -24.88
C ALA B 90 -13.04 23.87 -24.67
N PHE B 91 -12.09 23.80 -23.74
CA PHE B 91 -11.42 22.55 -23.40
C PHE B 91 -12.42 21.54 -22.87
N LYS B 92 -13.37 22.01 -22.06
CA LYS B 92 -14.40 21.16 -21.43
C LYS B 92 -15.48 20.69 -22.41
N ASN B 93 -15.70 21.46 -23.47
CA ASN B 93 -16.79 21.20 -24.40
C ASN B 93 -16.49 20.03 -25.34
N PRO B 94 -17.25 18.94 -25.20
CA PRO B 94 -17.04 17.72 -25.99
C PRO B 94 -17.12 17.94 -27.50
N LYS B 95 -17.80 19.00 -27.95
CA LYS B 95 -17.89 19.28 -29.38
C LYS B 95 -16.53 19.66 -29.95
N ASN B 96 -15.61 20.05 -29.07
CA ASN B 96 -14.28 20.44 -29.50
C ASN B 96 -13.32 19.26 -29.49
N ASN B 97 -13.74 18.13 -28.93
CA ASN B 97 -12.93 16.93 -28.89
C ASN B 97 -11.53 17.23 -28.40
N SER B 98 -11.43 17.97 -27.30
CA SER B 98 -10.14 18.43 -26.81
C SER B 98 -9.27 17.28 -26.35
N SER B 99 -8.00 17.32 -26.72
CA SER B 99 -7.06 16.27 -26.34
C SER B 99 -6.73 16.34 -24.86
N ILE B 100 -7.00 17.50 -24.25
CA ILE B 100 -6.71 17.70 -22.84
C ILE B 100 -7.96 17.82 -21.97
N TYR B 101 -9.07 17.27 -22.44
CA TYR B 101 -10.32 17.32 -21.71
C TYR B 101 -10.20 16.80 -20.28
N VAL B 102 -9.43 15.74 -20.06
CA VAL B 102 -9.36 15.13 -18.73
C VAL B 102 -8.72 16.05 -17.71
N ASN B 103 -7.95 17.03 -18.18
CA ASN B 103 -7.31 17.98 -17.28
C ASN B 103 -8.28 19.05 -16.78
N PHE B 104 -9.46 19.14 -17.39
CA PHE B 104 -10.39 20.21 -17.04
C PHE B 104 -11.78 19.69 -16.68
N GLU B 105 -11.94 18.38 -16.63
CA GLU B 105 -13.24 17.78 -16.40
C GLU B 105 -13.77 18.04 -14.98
N ASP B 106 -12.87 18.27 -14.03
CA ASP B 106 -13.30 18.45 -12.64
C ASP B 106 -13.74 19.90 -12.38
N ILE B 107 -13.81 20.72 -13.42
CA ILE B 107 -14.21 22.12 -13.23
C ILE B 107 -15.73 22.30 -13.24
N LYS B 108 -16.24 22.84 -12.14
CA LYS B 108 -17.67 23.09 -11.97
C LYS B 108 -18.11 24.41 -12.63
N SER B 109 -17.36 25.48 -12.39
CA SER B 109 -17.71 26.79 -12.93
C SER B 109 -16.49 27.70 -13.05
N VAL B 110 -16.58 28.65 -13.97
CA VAL B 110 -15.59 29.73 -14.12
C VAL B 110 -16.31 31.08 -14.02
N GLU B 111 -16.00 31.84 -12.98
CA GLU B 111 -16.65 33.12 -12.75
C GLU B 111 -15.71 34.30 -12.99
N ILE B 112 -16.18 35.28 -13.75
CA ILE B 112 -15.43 36.52 -13.93
C ILE B 112 -15.92 37.56 -12.94
N LEU B 113 -15.06 37.94 -12.01
CA LEU B 113 -15.42 38.94 -11.01
C LEU B 113 -15.05 40.33 -11.54
N ASN B 114 -13.90 40.41 -12.20
CA ASN B 114 -13.51 41.60 -12.94
C ASN B 114 -12.57 41.16 -14.06
N PRO B 115 -12.26 42.04 -15.04
CA PRO B 115 -11.45 41.64 -16.19
C PRO B 115 -10.05 41.12 -15.85
N SER B 116 -9.63 41.20 -14.59
CA SER B 116 -8.35 40.64 -14.18
C SER B 116 -8.49 39.62 -13.03
N HIS B 117 -9.70 39.16 -12.78
CA HIS B 117 -9.97 38.23 -11.68
C HIS B 117 -10.97 37.17 -12.10
N VAL B 118 -10.50 35.92 -12.11
CA VAL B 118 -11.35 34.80 -12.46
C VAL B 118 -11.40 33.86 -11.27
N LYS B 119 -12.59 33.37 -10.94
CA LYS B 119 -12.76 32.40 -9.88
C LYS B 119 -13.23 31.08 -10.46
N ILE B 120 -12.39 30.07 -10.30
CA ILE B 120 -12.68 28.74 -10.83
C ILE B 120 -13.00 27.79 -9.69
N THR B 121 -14.14 27.14 -9.79
CA THR B 121 -14.52 26.18 -8.76
C THR B 121 -14.52 24.77 -9.32
N LEU B 122 -14.05 23.83 -8.51
CA LEU B 122 -13.89 22.44 -8.91
C LEU B 122 -14.87 21.56 -8.13
N PHE B 123 -15.27 20.45 -8.73
CA PHE B 123 -16.08 19.44 -8.06
C PHE B 123 -15.27 18.75 -6.98
N LYS B 124 -14.00 18.52 -7.31
CA LYS B 124 -13.06 17.78 -6.47
C LYS B 124 -11.71 18.45 -6.54
N PRO B 125 -10.84 18.21 -5.55
CA PRO B 125 -9.48 18.74 -5.65
C PRO B 125 -8.75 18.21 -6.88
N TYR B 126 -7.95 19.06 -7.52
CA TYR B 126 -7.09 18.60 -8.61
C TYR B 126 -5.80 19.39 -8.54
N PRO B 127 -4.86 18.92 -7.71
CA PRO B 127 -3.60 19.63 -7.46
C PRO B 127 -2.74 19.81 -8.71
N ALA B 128 -3.07 19.11 -9.80
CA ALA B 128 -2.35 19.30 -11.05
C ALA B 128 -2.94 20.48 -11.84
N PHE B 129 -3.95 21.15 -11.31
CA PHE B 129 -4.67 22.17 -12.05
C PHE B 129 -3.78 23.30 -12.57
N LEU B 130 -2.91 23.82 -11.70
CA LEU B 130 -2.01 24.91 -12.09
C LEU B 130 -1.07 24.47 -13.20
N ASP B 131 -0.57 23.25 -13.11
CA ASP B 131 0.24 22.67 -14.17
C ASP B 131 -0.55 22.61 -15.47
N ALA B 132 -1.82 22.21 -15.37
CA ALA B 132 -2.66 22.09 -16.56
C ALA B 132 -2.92 23.44 -17.20
N LEU B 133 -2.94 24.49 -16.39
CA LEU B 133 -3.26 25.83 -16.88
C LEU B 133 -2.06 26.46 -17.59
N SER B 134 -0.97 25.71 -17.70
CA SER B 134 0.21 26.17 -18.42
C SER B 134 0.05 25.98 -19.94
N ILE B 135 -1.01 25.28 -20.32
CA ILE B 135 -1.15 24.79 -21.71
C ILE B 135 -1.22 25.89 -22.77
N GLY B 136 -1.94 26.97 -22.50
CA GLY B 136 -2.08 28.04 -23.48
C GLY B 136 -3.52 28.51 -23.64
N MET B 137 -3.72 29.82 -23.50
CA MET B 137 -5.07 30.39 -23.56
C MET B 137 -5.47 30.69 -25.01
N LEU B 138 -6.78 30.72 -25.27
CA LEU B 138 -7.31 30.93 -26.61
C LEU B 138 -8.00 32.29 -26.73
N PRO B 139 -7.91 32.91 -27.93
CA PRO B 139 -8.54 34.22 -28.13
C PRO B 139 -10.04 34.14 -28.38
N LYS B 140 -10.82 34.55 -27.38
CA LYS B 140 -12.28 34.51 -27.44
C LYS B 140 -12.82 35.27 -28.64
N HIS B 141 -12.22 36.42 -28.92
CA HIS B 141 -12.77 37.29 -29.96
C HIS B 141 -12.60 36.69 -31.37
N LEU B 142 -11.69 35.74 -31.53
CA LEU B 142 -11.50 35.07 -32.81
C LEU B 142 -12.25 33.75 -32.94
N LEU B 143 -12.32 32.98 -31.85
CA LEU B 143 -12.76 31.59 -31.94
C LEU B 143 -14.16 31.35 -31.36
N GLU B 144 -14.80 32.41 -30.87
CA GLU B 144 -16.12 32.28 -30.25
C GLU B 144 -17.14 31.75 -31.25
N ASN B 145 -17.03 32.19 -32.48
CA ASN B 145 -18.00 31.80 -33.51
C ASN B 145 -17.39 30.82 -34.50
N GLU B 146 -16.33 30.14 -34.09
CA GLU B 146 -15.62 29.25 -34.98
C GLU B 146 -15.78 27.77 -34.59
N ASN B 147 -15.52 26.88 -35.54
CA ASN B 147 -15.43 25.46 -35.25
C ASN B 147 -13.99 25.11 -34.90
N LEU B 148 -13.75 24.89 -33.61
CA LEU B 148 -12.40 24.72 -33.09
C LEU B 148 -11.67 23.56 -33.76
N ASN B 149 -12.41 22.52 -34.10
CA ASN B 149 -11.87 21.32 -34.72
C ASN B 149 -11.19 21.57 -36.06
N THR B 150 -11.77 22.45 -36.86
CA THR B 150 -11.38 22.59 -38.27
C THR B 150 -10.99 24.01 -38.68
N SER B 151 -11.04 24.94 -37.74
CA SER B 151 -10.80 26.34 -38.04
C SER B 151 -9.45 26.60 -38.69
N SER B 152 -9.42 27.55 -39.63
CA SER B 152 -8.19 27.93 -40.29
C SER B 152 -7.23 28.57 -39.29
N PHE B 153 -7.78 28.95 -38.14
CA PHE B 153 -6.98 29.40 -36.99
C PHE B 153 -5.89 28.39 -36.65
N ASN B 154 -6.19 27.11 -36.81
CA ASN B 154 -5.25 26.05 -36.46
C ASN B 154 -4.00 26.04 -37.33
N GLN B 155 -4.07 26.71 -38.48
CA GLN B 155 -2.91 26.85 -39.36
C GLN B 155 -2.48 28.31 -39.47
N ASN B 156 -3.20 29.20 -38.79
CA ASN B 156 -2.82 30.60 -38.70
C ASN B 156 -3.14 31.14 -37.32
N PRO B 157 -2.41 30.66 -36.29
CA PRO B 157 -2.78 30.89 -34.90
C PRO B 157 -2.41 32.27 -34.39
N ILE B 158 -3.26 32.81 -33.51
CA ILE B 158 -2.98 34.04 -32.79
C ILE B 158 -2.90 33.72 -31.30
N GLY B 159 -1.77 34.04 -30.67
CA GLY B 159 -1.61 33.75 -29.25
C GLY B 159 -1.04 34.91 -28.44
N THR B 160 -0.59 34.60 -27.23
CA THR B 160 0.05 35.59 -26.38
C THR B 160 1.51 35.26 -26.12
N GLY B 161 2.01 34.23 -26.80
CA GLY B 161 3.36 33.74 -26.56
C GLY B 161 4.45 34.68 -27.06
N PRO B 162 5.72 34.29 -26.83
CA PRO B 162 6.92 35.05 -27.24
C PRO B 162 7.11 35.17 -28.75
N TYR B 163 6.48 34.30 -29.53
CA TYR B 163 6.71 34.34 -30.96
C TYR B 163 5.40 34.34 -31.76
N LYS B 164 5.39 35.15 -32.83
CA LYS B 164 4.21 35.28 -33.69
C LYS B 164 4.34 34.37 -34.90
N PHE B 165 3.22 33.79 -35.32
CA PHE B 165 3.20 32.93 -36.50
C PHE B 165 3.42 33.78 -37.76
N VAL B 166 4.39 33.39 -38.59
CA VAL B 166 4.65 34.06 -39.86
C VAL B 166 4.09 33.27 -41.04
N LYS B 167 4.66 32.10 -41.28
CA LYS B 167 4.15 31.22 -42.34
C LYS B 167 4.57 29.77 -42.11
N TRP B 168 3.81 28.86 -42.72
CA TRP B 168 4.00 27.44 -42.51
C TRP B 168 4.09 26.70 -43.84
N LYS B 169 5.30 26.24 -44.16
CA LYS B 169 5.50 25.34 -45.29
C LYS B 169 5.52 23.92 -44.75
N LYS B 170 4.46 23.17 -45.02
CA LYS B 170 4.23 21.90 -44.35
C LYS B 170 5.25 20.85 -44.76
N GLY B 171 5.82 20.18 -43.75
CA GLY B 171 6.88 19.22 -43.95
C GLY B 171 8.24 19.88 -44.10
N GLU B 172 8.24 21.20 -44.09
CA GLU B 172 9.46 21.97 -44.28
C GLU B 172 9.87 22.70 -43.02
N TYR B 173 9.14 23.76 -42.72
CA TYR B 173 9.45 24.60 -41.57
C TYR B 173 8.24 25.42 -41.15
N VAL B 174 8.29 25.93 -39.93
CA VAL B 174 7.34 26.93 -39.49
C VAL B 174 8.16 28.14 -39.05
N GLU B 175 7.85 29.29 -39.64
CA GLU B 175 8.61 30.50 -39.35
C GLU B 175 7.88 31.38 -38.36
N PHE B 176 8.66 31.97 -37.45
CA PHE B 176 8.11 32.89 -36.46
C PHE B 176 8.94 34.17 -36.42
N LYS B 177 8.29 35.25 -35.98
CA LYS B 177 8.99 36.49 -35.67
C LYS B 177 8.71 36.88 -34.22
N ALA B 178 9.65 37.55 -33.58
CA ALA B 178 9.54 37.88 -32.16
C ALA B 178 8.32 38.75 -31.82
N ASN B 179 7.61 38.38 -30.76
CA ASN B 179 6.47 39.17 -30.30
C ASN B 179 7.00 40.44 -29.63
N GLU B 180 6.88 41.55 -30.36
CA GLU B 180 7.47 42.83 -29.95
C GLU B 180 6.88 43.34 -28.64
N HIS B 181 5.68 42.85 -28.29
CA HIS B 181 5.00 43.27 -27.07
C HIS B 181 4.97 42.18 -26.01
N PHE B 182 5.98 41.31 -25.99
CA PHE B 182 5.96 40.19 -25.04
C PHE B 182 6.17 40.68 -23.61
N TYR B 183 5.19 40.38 -22.77
CA TYR B 183 5.10 40.89 -21.40
C TYR B 183 6.16 40.35 -20.44
N LEU B 184 6.54 39.09 -20.59
CA LEU B 184 7.41 38.42 -19.62
C LEU B 184 8.82 38.97 -19.65
N ASP B 185 9.37 39.09 -20.84
CA ASP B 185 10.76 39.46 -21.00
C ASP B 185 10.92 39.88 -22.46
N LYS B 186 12.00 40.60 -22.76
CA LYS B 186 12.26 40.99 -24.14
C LYS B 186 12.79 39.79 -24.92
N VAL B 187 12.11 39.45 -26.02
CA VAL B 187 12.53 38.35 -26.88
C VAL B 187 13.80 38.76 -27.60
N LYS B 188 14.88 37.99 -27.43
CA LYS B 188 16.18 38.44 -27.93
C LYS B 188 16.35 38.33 -29.44
N THR B 189 16.10 37.15 -30.00
CA THR B 189 16.26 36.95 -31.44
C THR B 189 14.95 37.21 -32.18
N PRO B 190 14.95 38.23 -33.06
CA PRO B 190 13.74 38.67 -33.77
C PRO B 190 13.20 37.66 -34.78
N ARG B 191 14.05 36.79 -35.31
CA ARG B 191 13.63 35.82 -36.32
C ARG B 191 13.89 34.38 -35.88
N LEU B 192 12.86 33.55 -35.94
CA LEU B 192 12.96 32.15 -35.55
C LEU B 192 12.32 31.19 -36.54
N ILE B 193 13.09 30.18 -36.96
CA ILE B 193 12.58 29.14 -37.83
C ILE B 193 12.64 27.79 -37.12
N ILE B 194 11.49 27.12 -37.02
CA ILE B 194 11.43 25.76 -36.53
C ILE B 194 11.48 24.86 -37.75
N LYS B 195 12.65 24.27 -37.99
CA LYS B 195 12.90 23.46 -39.17
C LYS B 195 12.61 22.00 -38.88
N HIS B 196 11.79 21.37 -39.72
CA HIS B 196 11.44 19.98 -39.53
C HIS B 196 12.47 19.04 -40.17
N ILE B 197 13.21 18.33 -39.33
CA ILE B 197 14.20 17.37 -39.78
C ILE B 197 14.03 16.07 -39.00
N PHE B 198 13.58 15.01 -39.67
CA PHE B 198 13.36 13.74 -38.99
C PHE B 198 14.60 12.85 -39.06
N ASP B 199 15.54 13.18 -39.94
CA ASP B 199 16.75 12.39 -40.02
C ASP B 199 17.91 12.99 -39.22
N PRO B 200 18.41 12.23 -38.25
CA PRO B 200 19.47 12.68 -37.34
C PRO B 200 20.79 12.96 -38.08
N SER B 201 21.11 12.13 -39.08
CA SER B 201 22.33 12.35 -39.86
C SER B 201 22.24 13.66 -40.63
N ILE B 202 21.07 13.97 -41.16
CA ILE B 202 20.85 15.22 -41.85
C ILE B 202 20.90 16.37 -40.86
N ALA B 203 20.32 16.16 -39.68
CA ALA B 203 20.34 17.16 -38.63
C ALA B 203 21.77 17.46 -38.20
N SER B 204 22.55 16.40 -38.02
CA SER B 204 23.94 16.52 -37.66
C SER B 204 24.73 17.25 -38.76
N ALA B 205 24.45 16.89 -40.00
CA ALA B 205 25.14 17.48 -41.14
C ALA B 205 24.88 18.98 -41.24
N GLU B 206 23.61 19.37 -41.09
CA GLU B 206 23.23 20.77 -41.21
C GLU B 206 23.75 21.61 -40.04
N LEU B 207 23.90 20.96 -38.89
CA LEU B 207 24.47 21.60 -37.72
C LEU B 207 25.95 21.89 -37.97
N LYS B 208 26.68 20.85 -38.37
CA LYS B 208 28.08 20.95 -38.72
C LYS B 208 28.31 21.96 -39.85
N ASN B 209 27.35 22.02 -40.77
CA ASN B 209 27.40 22.93 -41.91
C ASN B 209 27.08 24.38 -41.54
N GLY B 210 26.48 24.58 -40.37
CA GLY B 210 26.04 25.89 -39.97
C GLY B 210 24.74 26.29 -40.67
N LYS B 211 23.99 25.30 -41.11
CA LYS B 211 22.69 25.52 -41.75
C LYS B 211 21.59 25.63 -40.69
N ILE B 212 21.82 24.99 -39.54
CA ILE B 212 20.95 25.16 -38.38
C ILE B 212 21.81 25.48 -37.15
N ASP B 213 21.21 26.19 -36.20
CA ASP B 213 21.94 26.58 -35.00
C ASP B 213 21.91 25.51 -33.89
N ALA B 214 20.84 24.74 -33.82
CA ALA B 214 20.68 23.76 -32.75
C ALA B 214 19.72 22.63 -33.12
N ALA B 215 19.98 21.45 -32.56
CA ALA B 215 19.09 20.31 -32.71
C ALA B 215 19.40 19.29 -31.63
N LEU B 216 18.47 18.35 -31.41
CA LEU B 216 18.75 17.21 -30.57
C LEU B 216 19.39 16.14 -31.44
N ILE B 217 20.59 15.69 -31.06
CA ILE B 217 21.36 14.77 -31.88
C ILE B 217 21.39 13.39 -31.21
N ASP B 218 21.06 12.35 -31.97
CA ASP B 218 21.09 10.98 -31.46
C ASP B 218 22.46 10.64 -30.89
N VAL B 219 22.44 9.87 -29.80
CA VAL B 219 23.65 9.51 -29.07
C VAL B 219 24.65 8.77 -29.95
N SER B 220 24.13 7.97 -30.88
CA SER B 220 24.98 7.26 -31.83
C SER B 220 25.78 8.22 -32.72
N LEU B 221 25.26 9.43 -32.89
CA LEU B 221 25.91 10.44 -33.73
C LEU B 221 26.71 11.47 -32.93
N LEU B 222 26.62 11.39 -31.60
CA LEU B 222 27.09 12.47 -30.75
C LEU B 222 28.60 12.73 -30.77
N ASN B 223 29.39 11.68 -30.95
CA ASN B 223 30.85 11.83 -30.94
C ASN B 223 31.35 12.76 -32.04
N ILE B 224 30.53 12.98 -33.05
CA ILE B 224 30.90 13.84 -34.18
C ILE B 224 31.11 15.29 -33.73
N PHE B 225 30.41 15.70 -32.67
CA PHE B 225 30.48 17.07 -32.18
C PHE B 225 31.38 17.29 -30.97
N LYS B 226 32.04 16.23 -30.51
CA LYS B 226 32.97 16.35 -29.39
C LYS B 226 34.22 17.16 -29.75
N ASN B 227 34.61 17.11 -31.01
CA ASN B 227 35.87 17.72 -31.45
C ASN B 227 35.79 19.21 -31.79
N ASP B 228 34.61 19.65 -32.21
CA ASP B 228 34.37 21.05 -32.58
C ASP B 228 34.40 22.05 -31.43
N GLU B 229 35.02 23.20 -31.69
CA GLU B 229 35.10 24.27 -30.70
C GLU B 229 33.93 25.19 -30.99
N ASN B 230 33.33 24.96 -32.16
CA ASN B 230 32.19 25.72 -32.65
C ASN B 230 30.87 25.27 -32.00
N PHE B 231 30.91 24.17 -31.27
CA PHE B 231 29.69 23.55 -30.76
C PHE B 231 29.82 23.14 -29.30
N GLY B 232 28.75 23.37 -28.54
CA GLY B 232 28.66 22.85 -27.19
C GLY B 232 27.67 21.71 -27.19
N ILE B 233 27.80 20.82 -26.20
CA ILE B 233 26.87 19.72 -26.04
C ILE B 233 26.26 19.76 -24.65
N LEU B 234 24.93 19.82 -24.60
CA LEU B 234 24.23 19.80 -23.33
C LEU B 234 23.46 18.49 -23.19
N ARG B 235 23.88 17.66 -22.24
CA ARG B 235 23.17 16.43 -21.95
C ARG B 235 21.93 16.78 -21.15
N GLU B 236 20.78 16.25 -21.57
CA GLU B 236 19.55 16.54 -20.86
C GLU B 236 18.89 15.26 -20.36
N LYS B 237 18.44 15.30 -19.11
CA LYS B 237 17.63 14.23 -18.57
C LYS B 237 16.22 14.36 -19.10
N SER B 238 15.48 13.27 -19.11
CA SER B 238 14.10 13.31 -19.57
C SER B 238 13.25 12.29 -18.84
N ALA B 239 11.95 12.51 -18.86
CA ALA B 239 10.97 11.58 -18.31
C ALA B 239 10.50 10.61 -19.38
N ASP B 240 11.10 10.73 -20.56
CA ASP B 240 10.74 9.87 -21.69
C ASP B 240 11.26 8.46 -21.48
N TYR B 241 10.37 7.49 -21.54
CA TYR B 241 10.78 6.08 -21.51
C TYR B 241 10.30 5.36 -22.75
N ARG B 242 10.98 4.27 -23.09
CA ARG B 242 10.53 3.39 -24.16
C ARG B 242 10.07 2.10 -23.53
N ALA B 243 9.09 1.45 -24.15
CA ALA B 243 8.53 0.21 -23.60
C ALA B 243 7.83 -0.61 -24.67
N LEU B 244 7.55 -1.87 -24.35
CA LEU B 244 6.69 -2.68 -25.21
C LEU B 244 5.28 -2.64 -24.65
N MET B 245 4.36 -2.10 -25.42
CA MET B 245 2.96 -2.04 -25.03
C MET B 245 2.24 -3.35 -25.38
N PHE B 246 1.71 -4.04 -24.38
CA PHE B 246 0.90 -5.23 -24.65
C PHE B 246 -0.51 -4.84 -25.10
N ASN B 247 -1.04 -5.55 -26.10
CA ASN B 247 -2.48 -5.44 -26.36
C ASN B 247 -3.18 -6.54 -25.57
N LEU B 248 -3.96 -6.13 -24.58
CA LEU B 248 -4.56 -7.11 -23.68
C LEU B 248 -5.79 -7.78 -24.29
N ASP B 249 -6.12 -7.40 -25.52
CA ASP B 249 -7.09 -8.16 -26.31
C ASP B 249 -6.45 -9.39 -26.97
N ASN B 250 -5.13 -9.39 -27.09
CA ASN B 250 -4.44 -10.53 -27.71
C ASN B 250 -4.64 -11.84 -26.94
N GLU B 251 -4.85 -12.93 -27.68
CA GLU B 251 -5.16 -14.24 -27.11
C GLU B 251 -4.10 -14.75 -26.14
N PHE B 252 -2.85 -14.36 -26.34
CA PHE B 252 -1.78 -14.80 -25.44
C PHE B 252 -1.41 -13.70 -24.45
N LEU B 253 -1.36 -12.47 -24.93
CA LEU B 253 -0.84 -11.35 -24.14
C LEU B 253 -1.82 -10.96 -23.01
N LYS B 254 -3.05 -11.46 -23.09
CA LYS B 254 -4.02 -11.23 -22.01
C LYS B 254 -3.65 -11.98 -20.74
N ASP B 255 -3.02 -13.15 -20.87
CA ASP B 255 -2.63 -13.97 -19.73
C ASP B 255 -1.53 -13.29 -18.93
N LEU B 256 -1.71 -13.19 -17.61
CA LEU B 256 -0.74 -12.53 -16.76
C LEU B 256 0.64 -13.19 -16.80
N LYS B 257 0.67 -14.52 -16.69
CA LYS B 257 1.94 -15.24 -16.65
C LYS B 257 2.77 -15.02 -17.91
N VAL B 258 2.09 -14.90 -19.05
CA VAL B 258 2.74 -14.62 -20.31
C VAL B 258 3.39 -13.23 -20.29
N ARG B 259 2.67 -12.25 -19.78
CA ARG B 259 3.20 -10.89 -19.72
C ARG B 259 4.37 -10.81 -18.74
N GLN B 260 4.30 -11.57 -17.65
CA GLN B 260 5.41 -11.62 -16.70
C GLN B 260 6.64 -12.31 -17.30
N ALA B 261 6.41 -13.41 -18.00
CA ALA B 261 7.49 -14.16 -18.64
C ALA B 261 8.26 -13.30 -19.62
N LEU B 262 7.51 -12.57 -20.45
CA LEU B 262 8.12 -11.72 -21.46
C LEU B 262 8.93 -10.60 -20.81
N ASN B 263 8.50 -10.16 -19.63
CA ASN B 263 9.27 -9.19 -18.86
C ASN B 263 10.58 -9.79 -18.36
N TYR B 264 10.54 -11.05 -17.92
CA TYR B 264 11.73 -11.75 -17.48
C TYR B 264 12.70 -12.07 -18.62
N ALA B 265 12.19 -12.06 -19.85
CA ALA B 265 13.00 -12.49 -20.99
C ALA B 265 13.97 -11.42 -21.49
N VAL B 266 13.82 -10.18 -21.00
CA VAL B 266 14.56 -9.06 -21.57
C VAL B 266 15.72 -8.59 -20.69
N ASP B 267 16.89 -8.47 -21.30
CA ASP B 267 18.08 -7.94 -20.64
C ASP B 267 18.15 -6.45 -20.93
N LYS B 268 17.51 -5.67 -20.07
CA LYS B 268 17.40 -4.23 -20.30
C LYS B 268 18.75 -3.56 -20.13
N GLU B 269 19.59 -4.13 -19.27
CA GLU B 269 20.91 -3.57 -19.02
C GLU B 269 21.76 -3.66 -20.30
N SER B 270 21.65 -4.79 -21.01
CA SER B 270 22.33 -4.95 -22.28
C SER B 270 21.88 -3.90 -23.30
N ILE B 271 20.58 -3.66 -23.36
CA ILE B 271 20.00 -2.66 -24.24
C ILE B 271 20.52 -1.25 -23.94
N VAL B 272 20.48 -0.88 -22.66
CA VAL B 272 20.91 0.45 -22.22
C VAL B 272 22.41 0.66 -22.49
N LYS B 273 23.21 -0.32 -22.14
CA LYS B 273 24.65 -0.25 -22.34
C LYS B 273 25.04 -0.25 -23.83
N ASN B 274 24.60 -1.28 -24.54
CA ASN B 274 25.06 -1.53 -25.91
C ASN B 274 24.30 -0.79 -27.00
N LEU B 275 22.97 -0.82 -26.96
CA LEU B 275 22.18 -0.12 -27.96
C LEU B 275 22.10 1.39 -27.71
N LEU B 276 21.97 1.78 -26.45
CA LEU B 276 21.70 3.17 -26.13
C LEU B 276 22.94 3.88 -25.57
N HIS B 277 24.04 3.13 -25.43
CA HIS B 277 25.34 3.66 -25.04
C HIS B 277 25.33 4.42 -23.71
N ASP B 278 24.61 3.87 -22.73
CA ASP B 278 24.48 4.46 -21.40
C ASP B 278 23.98 5.92 -21.44
N TYR B 279 23.27 6.28 -22.50
CA TYR B 279 22.61 7.59 -22.58
C TYR B 279 21.17 7.40 -22.18
N ALA B 280 20.98 6.51 -21.21
CA ALA B 280 19.70 6.01 -20.77
C ALA B 280 19.89 5.27 -19.46
N PHE B 281 18.78 4.87 -18.83
CA PHE B 281 18.88 3.94 -17.71
C PHE B 281 17.68 2.99 -17.75
N VAL B 282 17.84 1.82 -17.14
CA VAL B 282 16.82 0.78 -17.19
C VAL B 282 15.51 1.27 -16.56
N ALA B 283 14.41 1.12 -17.27
CA ALA B 283 13.11 1.56 -16.76
C ALA B 283 12.34 0.39 -16.14
N ASN B 284 11.57 0.69 -15.09
CA ASN B 284 10.70 -0.30 -14.48
C ASN B 284 9.25 0.18 -14.33
N HIS B 285 9.05 1.48 -14.31
CA HIS B 285 7.70 2.04 -14.21
C HIS B 285 7.68 3.47 -14.77
N PRO B 286 6.48 4.05 -14.99
CA PRO B 286 6.44 5.29 -15.79
C PRO B 286 6.66 6.59 -15.00
N LEU B 287 7.10 6.51 -13.74
CA LEU B 287 7.25 7.76 -12.97
C LEU B 287 8.61 7.88 -12.29
N GLU B 288 9.65 7.29 -12.87
CA GLU B 288 10.95 7.21 -12.21
C GLU B 288 11.72 8.53 -12.26
N ARG B 289 11.18 9.53 -12.95
CA ARG B 289 11.74 10.87 -12.89
C ARG B 289 10.84 11.82 -12.10
N SER B 290 9.78 11.29 -11.51
CA SER B 290 8.80 12.12 -10.81
C SER B 290 9.00 12.12 -9.29
N TRP B 291 8.46 13.13 -8.62
CA TRP B 291 8.47 13.11 -7.16
C TRP B 291 7.58 11.99 -6.64
N ALA B 292 6.67 11.53 -7.50
CA ALA B 292 5.75 10.46 -7.14
C ALA B 292 6.44 9.09 -7.14
N ASN B 293 7.71 9.05 -7.52
CA ASN B 293 8.47 7.80 -7.51
C ASN B 293 8.59 7.27 -6.09
N SER B 294 8.13 6.04 -5.87
CA SER B 294 8.12 5.45 -4.54
C SER B 294 9.53 5.11 -4.05
N LYS B 295 10.44 4.83 -4.99
CA LYS B 295 11.81 4.42 -4.65
C LYS B 295 11.80 3.21 -3.71
N ASN B 296 10.83 2.34 -3.93
CA ASN B 296 10.65 1.13 -3.14
C ASN B 296 9.66 0.21 -3.84
N PHE B 297 10.10 -0.38 -4.93
CA PHE B 297 9.20 -1.17 -5.77
C PHE B 297 9.89 -2.43 -6.30
N LYS B 298 9.11 -3.48 -6.48
CA LYS B 298 9.60 -4.72 -7.05
C LYS B 298 9.94 -4.50 -8.53
N ILE B 299 10.79 -5.35 -9.09
CA ILE B 299 11.11 -5.28 -10.51
C ILE B 299 11.09 -6.66 -11.19
N TYR B 300 11.07 -6.65 -12.52
CA TYR B 300 11.31 -7.85 -13.30
C TYR B 300 12.75 -7.82 -13.81
N LYS B 301 13.58 -8.72 -13.32
CA LYS B 301 14.99 -8.74 -13.71
C LYS B 301 15.23 -9.83 -14.75
N TYR B 302 16.23 -9.62 -15.59
CA TYR B 302 16.59 -10.56 -16.65
C TYR B 302 16.77 -11.98 -16.10
N ASP B 303 15.82 -12.85 -16.41
CA ASP B 303 15.87 -14.23 -15.94
C ASP B 303 15.05 -15.11 -16.88
N PRO B 304 15.71 -15.61 -17.95
CA PRO B 304 15.09 -16.43 -18.98
C PRO B 304 14.46 -17.72 -18.45
N LYS B 305 15.07 -18.33 -17.43
CA LYS B 305 14.59 -19.61 -16.93
C LYS B 305 13.29 -19.43 -16.16
N LYS B 306 13.17 -18.31 -15.43
CA LYS B 306 11.88 -17.97 -14.81
C LYS B 306 10.79 -17.85 -15.86
N ALA B 307 11.13 -17.22 -16.98
CA ALA B 307 10.19 -17.00 -18.06
C ALA B 307 9.61 -18.31 -18.56
N GLU B 308 10.48 -19.24 -18.94
CA GLU B 308 10.03 -20.53 -19.46
C GLU B 308 9.22 -21.27 -18.39
N ASP B 309 9.68 -21.18 -17.15
CA ASP B 309 8.99 -21.88 -16.07
C ASP B 309 7.59 -21.26 -15.92
N LEU B 310 7.51 -19.95 -16.05
CA LEU B 310 6.22 -19.26 -15.99
C LEU B 310 5.30 -19.70 -17.14
N LEU B 311 5.84 -19.83 -18.34
CA LEU B 311 5.03 -20.24 -19.49
C LEU B 311 4.54 -21.68 -19.33
N VAL B 312 5.38 -22.54 -18.76
CA VAL B 312 4.95 -23.90 -18.45
C VAL B 312 3.78 -23.86 -17.47
N SER B 313 3.94 -23.08 -16.41
CA SER B 313 2.88 -22.89 -15.42
C SER B 313 1.60 -22.39 -16.10
N ALA B 314 1.78 -21.52 -17.08
CA ALA B 314 0.68 -20.97 -17.84
C ALA B 314 -0.01 -22.04 -18.68
N GLY B 315 0.71 -23.13 -18.95
CA GLY B 315 0.12 -24.27 -19.63
C GLY B 315 0.69 -24.48 -21.02
N PHE B 316 1.86 -23.93 -21.27
CA PHE B 316 2.52 -24.05 -22.57
C PHE B 316 3.54 -25.19 -22.61
N LYS B 317 3.51 -25.96 -23.69
CA LYS B 317 4.50 -27.01 -23.92
C LYS B 317 5.45 -26.61 -25.05
N LYS B 318 6.73 -26.96 -24.91
CA LYS B 318 7.69 -26.74 -26.00
C LYS B 318 7.41 -27.73 -27.13
N ASN B 319 7.62 -27.30 -28.37
CA ASN B 319 7.40 -28.19 -29.50
C ASN B 319 8.74 -28.63 -30.07
N LYS B 320 8.72 -29.24 -31.25
CA LYS B 320 9.92 -29.83 -31.83
C LYS B 320 10.99 -28.78 -32.12
N ASP B 321 10.54 -27.56 -32.40
CA ASP B 321 11.44 -26.44 -32.65
C ASP B 321 11.89 -25.81 -31.34
N GLY B 322 11.25 -26.20 -30.25
CA GLY B 322 11.57 -25.63 -28.96
C GLY B 322 10.78 -24.36 -28.70
N ASN B 323 9.63 -24.23 -29.37
CA ASN B 323 8.78 -23.05 -29.19
C ASN B 323 7.53 -23.45 -28.43
N PHE B 324 7.06 -22.57 -27.56
CA PHE B 324 5.91 -22.91 -26.73
C PHE B 324 4.61 -22.93 -27.51
N GLU B 325 3.78 -23.92 -27.21
CA GLU B 325 2.45 -24.07 -27.81
C GLU B 325 1.42 -24.33 -26.74
N LYS B 326 0.18 -23.96 -27.03
CA LYS B 326 -0.92 -24.23 -26.12
C LYS B 326 -2.16 -24.56 -26.95
N ASP B 327 -2.73 -25.73 -26.71
CA ASP B 327 -3.88 -26.23 -27.46
C ASP B 327 -3.62 -26.16 -28.96
N GLY B 328 -2.42 -26.58 -29.37
CA GLY B 328 -2.11 -26.70 -30.77
C GLY B 328 -1.68 -25.40 -31.41
N LYS B 329 -1.56 -24.34 -30.61
CA LYS B 329 -1.25 -23.02 -31.14
C LYS B 329 0.02 -22.44 -30.54
N ILE B 330 0.96 -22.07 -31.41
CA ILE B 330 2.23 -21.53 -31.00
C ILE B 330 2.08 -20.17 -30.31
N LEU B 331 2.89 -19.93 -29.28
CA LEU B 331 2.91 -18.63 -28.62
C LEU B 331 3.57 -17.67 -29.58
N GLU B 332 2.74 -16.96 -30.34
CA GLU B 332 3.18 -16.10 -31.42
C GLU B 332 2.43 -14.76 -31.39
N PHE B 333 3.14 -13.65 -31.61
CA PHE B 333 2.50 -12.34 -31.77
C PHE B 333 3.44 -11.41 -32.52
N GLU B 334 2.90 -10.25 -32.92
CA GLU B 334 3.67 -9.29 -33.67
C GLU B 334 4.12 -8.12 -32.81
N ILE B 335 5.30 -7.61 -33.13
CA ILE B 335 5.84 -6.43 -32.47
C ILE B 335 5.88 -5.31 -33.51
N TRP B 336 5.08 -4.28 -33.32
CA TRP B 336 4.99 -3.18 -34.27
C TRP B 336 5.86 -2.00 -33.87
N ALA B 337 6.55 -1.41 -34.85
CA ALA B 337 7.37 -0.25 -34.60
C ALA B 337 7.18 0.78 -35.69
N MET B 338 7.35 2.04 -35.34
CA MET B 338 7.31 3.10 -36.33
C MET B 338 8.62 3.06 -37.12
N SER B 339 8.53 2.72 -38.40
CA SER B 339 9.73 2.50 -39.21
C SER B 339 10.51 3.78 -39.44
N ASN B 340 9.85 4.92 -39.25
CA ASN B 340 10.50 6.22 -39.39
C ASN B 340 11.35 6.55 -38.17
N ASP B 341 11.22 5.73 -37.13
CA ASP B 341 12.00 5.89 -35.91
C ASP B 341 12.86 4.64 -35.72
N PRO B 342 14.10 4.69 -36.22
CA PRO B 342 14.99 3.51 -36.26
C PRO B 342 15.26 2.92 -34.87
N LEU B 343 15.32 3.76 -33.84
CA LEU B 343 15.56 3.26 -32.49
C LEU B 343 14.46 2.30 -32.05
N ARG B 344 13.22 2.62 -32.38
CA ARG B 344 12.10 1.74 -32.04
C ARG B 344 12.25 0.42 -32.79
N VAL B 345 12.62 0.49 -34.07
CA VAL B 345 12.81 -0.70 -34.88
C VAL B 345 13.92 -1.56 -34.31
N SER B 346 15.04 -0.95 -33.95
CA SER B 346 16.14 -1.70 -33.34
C SER B 346 15.69 -2.34 -32.01
N LEU B 347 14.95 -1.59 -31.21
CA LEU B 347 14.46 -2.10 -29.93
C LEU B 347 13.54 -3.30 -30.12
N ALA B 348 12.66 -3.21 -31.12
CA ALA B 348 11.75 -4.31 -31.43
C ALA B 348 12.53 -5.54 -31.90
N GLY B 349 13.59 -5.30 -32.67
CA GLY B 349 14.43 -6.37 -33.17
C GLY B 349 15.11 -7.11 -32.04
N ILE B 350 15.57 -6.36 -31.04
CA ILE B 350 16.24 -6.96 -29.90
C ILE B 350 15.28 -7.79 -29.05
N LEU B 351 14.09 -7.26 -28.80
CA LEU B 351 13.06 -7.99 -28.06
C LEU B 351 12.71 -9.29 -28.77
N GLN B 352 12.64 -9.23 -30.11
CA GLN B 352 12.32 -10.40 -30.91
C GLN B 352 13.32 -11.50 -30.67
N SER B 353 14.60 -11.13 -30.61
CA SER B 353 15.65 -12.12 -30.37
C SER B 353 15.60 -12.64 -28.94
N GLU B 354 15.27 -11.77 -27.99
CA GLU B 354 15.14 -12.20 -26.60
C GLU B 354 13.99 -13.19 -26.44
N PHE B 355 12.87 -12.92 -27.09
CA PHE B 355 11.70 -13.78 -26.97
C PHE B 355 11.99 -15.12 -27.62
N ARG B 356 12.80 -15.09 -28.67
CA ARG B 356 13.13 -16.29 -29.43
C ARG B 356 13.80 -17.29 -28.50
N LYS B 357 14.76 -16.79 -27.74
CA LYS B 357 15.58 -17.59 -26.83
C LYS B 357 14.79 -18.33 -25.75
N ILE B 358 13.57 -17.86 -25.48
CA ILE B 358 12.69 -18.55 -24.54
C ILE B 358 11.52 -19.22 -25.26
N GLY B 359 11.71 -19.46 -26.55
CA GLY B 359 10.76 -20.22 -27.35
C GLY B 359 9.46 -19.48 -27.62
N VAL B 360 9.56 -18.16 -27.74
CA VAL B 360 8.41 -17.36 -28.13
C VAL B 360 8.67 -16.77 -29.50
N VAL B 361 7.80 -17.10 -30.44
CA VAL B 361 7.95 -16.64 -31.81
C VAL B 361 7.28 -15.27 -31.97
N SER B 362 8.06 -14.27 -32.39
CA SER B 362 7.49 -12.94 -32.61
C SER B 362 7.98 -12.38 -33.94
N LYS B 363 7.19 -11.49 -34.52
CA LYS B 363 7.46 -10.92 -35.83
C LYS B 363 7.54 -9.40 -35.72
N VAL B 364 8.62 -8.82 -36.24
CA VAL B 364 8.74 -7.36 -36.20
C VAL B 364 8.05 -6.73 -37.39
N VAL B 365 7.06 -5.89 -37.12
CA VAL B 365 6.36 -5.19 -38.18
C VAL B 365 6.69 -3.71 -38.10
N ALA B 366 7.44 -3.22 -39.07
CA ALA B 366 7.83 -1.82 -39.09
C ALA B 366 7.15 -1.05 -40.21
N LYS B 367 6.27 -0.12 -39.83
CA LYS B 367 5.56 0.73 -40.78
C LYS B 367 5.69 2.19 -40.36
N PRO B 368 5.55 3.12 -41.32
CA PRO B 368 5.66 4.55 -41.00
C PRO B 368 4.60 4.97 -39.98
N ALA B 369 4.95 5.90 -39.09
CA ALA B 369 4.00 6.43 -38.13
C ALA B 369 2.77 7.03 -38.83
N GLY B 370 1.59 6.70 -38.34
CA GLY B 370 0.36 7.17 -38.95
C GLY B 370 -0.20 6.22 -39.99
N SER B 371 0.57 5.22 -40.39
CA SER B 371 0.11 4.25 -41.40
C SER B 371 -0.70 3.12 -40.78
N PHE B 372 -0.77 3.07 -39.45
CA PHE B 372 -1.53 2.03 -38.75
C PHE B 372 -2.07 2.47 -37.39
N ASP B 373 -3.05 1.71 -36.90
CA ASP B 373 -3.74 1.96 -35.63
C ASP B 373 -3.11 1.13 -34.51
N TYR B 374 -2.38 1.77 -33.58
CA TYR B 374 -1.66 1.00 -32.54
C TYR B 374 -2.58 0.33 -31.54
N SER B 375 -3.85 0.69 -31.55
CA SER B 375 -4.84 0.06 -30.68
C SER B 375 -5.31 -1.28 -31.25
N LYS B 376 -4.81 -1.62 -32.45
CA LYS B 376 -5.23 -2.83 -33.15
C LYS B 376 -4.10 -3.83 -33.41
N VAL B 377 -2.89 -3.52 -32.97
CA VAL B 377 -1.75 -4.43 -33.12
C VAL B 377 -1.50 -5.27 -31.88
N ASP B 378 -0.77 -6.38 -32.02
CA ASP B 378 -0.52 -7.26 -30.88
C ASP B 378 0.26 -6.54 -29.79
N SER B 379 1.32 -5.87 -30.21
CA SER B 379 2.18 -5.15 -29.29
C SER B 379 2.86 -4.05 -30.07
N PHE B 380 3.33 -3.02 -29.36
CA PHE B 380 3.83 -1.82 -30.02
C PHE B 380 4.96 -1.21 -29.21
N LEU B 381 6.06 -0.89 -29.89
CA LEU B 381 7.18 -0.28 -29.21
C LEU B 381 6.82 1.18 -28.93
N ILE B 382 6.39 1.42 -27.70
CA ILE B 382 5.75 2.67 -27.34
C ILE B 382 6.68 3.57 -26.52
N GLY B 383 6.30 4.83 -26.39
CA GLY B 383 7.00 5.77 -25.54
C GLY B 383 6.04 6.81 -24.98
N TRP B 384 6.31 7.24 -23.74
CA TRP B 384 5.56 8.30 -23.08
C TRP B 384 6.46 8.93 -22.03
N GLY B 385 5.98 10.01 -21.40
CA GLY B 385 6.68 10.58 -20.27
C GLY B 385 6.57 12.08 -20.15
N SER B 386 6.27 12.56 -18.94
CA SER B 386 6.13 13.98 -18.67
C SER B 386 6.96 14.42 -17.48
N PRO B 387 7.64 15.57 -17.61
CA PRO B 387 8.38 16.08 -16.47
C PRO B 387 7.48 16.88 -15.53
N LEU B 388 6.21 17.05 -15.91
CA LEU B 388 5.26 17.81 -15.09
C LEU B 388 4.58 16.88 -14.10
N ASP B 389 3.33 17.19 -13.76
CA ASP B 389 2.58 16.41 -12.78
C ASP B 389 2.50 14.94 -13.20
N PRO B 390 2.66 14.03 -12.23
CA PRO B 390 2.60 12.58 -12.51
C PRO B 390 1.28 12.15 -13.17
N ASP B 391 0.21 12.93 -12.97
CA ASP B 391 -1.08 12.58 -13.58
C ASP B 391 -1.09 12.64 -15.10
N PHE B 392 -0.24 13.52 -15.66
CA PHE B 392 -0.39 13.92 -17.06
C PHE B 392 -0.14 12.81 -18.10
N HIS B 393 0.87 11.97 -17.87
CA HIS B 393 1.08 10.84 -18.79
C HIS B 393 0.80 9.49 -18.11
N THR B 394 -0.02 9.49 -17.06
CA THR B 394 -0.43 8.23 -16.46
C THR B 394 -1.94 7.96 -16.65
N PHE B 395 -2.77 8.97 -16.41
CA PHE B 395 -4.22 8.79 -16.47
C PHE B 395 -4.71 8.41 -17.86
N ARG B 396 -4.38 9.22 -18.87
CA ARG B 396 -4.79 8.94 -20.24
C ARG B 396 -4.15 7.66 -20.79
N VAL B 397 -3.01 7.26 -20.23
CA VAL B 397 -2.26 6.10 -20.71
C VAL B 397 -2.66 4.76 -20.06
N PHE B 398 -2.95 4.77 -18.75
CA PHE B 398 -3.19 3.52 -18.03
C PHE B 398 -4.60 3.33 -17.46
N GLU B 399 -5.31 4.43 -17.23
CA GLU B 399 -6.63 4.33 -16.60
C GLU B 399 -7.64 3.78 -17.60
N SER B 400 -8.52 2.90 -17.14
CA SER B 400 -9.34 2.08 -18.03
C SER B 400 -10.39 2.86 -18.82
N SER B 401 -10.91 3.96 -18.27
CA SER B 401 -11.87 4.77 -19.01
C SER B 401 -11.20 5.47 -20.20
N GLN B 402 -9.88 5.45 -20.22
CA GLN B 402 -9.11 6.09 -21.27
C GLN B 402 -8.70 5.07 -22.34
N ASP B 403 -9.30 3.89 -22.26
CA ASP B 403 -9.20 2.86 -23.29
C ASP B 403 -9.50 3.47 -24.65
N SER B 404 -8.57 3.32 -25.58
CA SER B 404 -8.63 3.99 -26.87
C SER B 404 -9.83 3.56 -27.71
N ALA B 405 -10.32 2.35 -27.46
CA ALA B 405 -11.50 1.83 -28.12
C ALA B 405 -12.77 2.48 -27.59
N LEU B 406 -12.73 2.93 -26.34
CA LEU B 406 -13.88 3.57 -25.70
C LEU B 406 -13.80 5.09 -25.73
N ASN B 407 -12.59 5.62 -25.83
CA ASN B 407 -12.38 7.05 -25.76
C ASN B 407 -11.44 7.51 -26.89
N ASP B 408 -11.97 8.27 -27.82
CA ASP B 408 -11.22 8.73 -28.99
C ASP B 408 -10.02 9.59 -28.61
N GLU B 409 -10.05 10.17 -27.42
CA GLU B 409 -8.94 10.99 -26.96
C GLU B 409 -8.17 10.30 -25.84
N GLY B 410 -8.46 9.02 -25.60
CA GLY B 410 -7.71 8.25 -24.63
C GLY B 410 -6.41 7.76 -25.24
N TRP B 411 -5.40 7.53 -24.41
CA TRP B 411 -4.10 7.04 -24.88
C TRP B 411 -3.83 5.61 -24.40
N ASN B 412 -4.86 4.94 -23.89
CA ASN B 412 -4.73 3.55 -23.45
C ASN B 412 -4.91 2.61 -24.65
N PHE B 413 -3.87 2.53 -25.47
CA PHE B 413 -3.99 1.87 -26.76
C PHE B 413 -4.05 0.36 -26.66
N GLY B 414 -3.52 -0.18 -25.57
CA GLY B 414 -3.47 -1.63 -25.38
C GLY B 414 -4.69 -2.18 -24.65
N HIS B 415 -5.65 -1.29 -24.39
CA HIS B 415 -6.91 -1.67 -23.75
C HIS B 415 -6.68 -2.28 -22.38
N TYR B 416 -5.75 -1.67 -21.64
CA TYR B 416 -5.38 -2.14 -20.31
C TYR B 416 -6.46 -1.77 -19.29
N HIS B 417 -6.81 -2.72 -18.45
CA HIS B 417 -7.86 -2.55 -17.46
C HIS B 417 -7.47 -3.16 -16.12
N ASP B 418 -7.05 -2.33 -15.17
CA ASP B 418 -6.72 -2.81 -13.84
C ASP B 418 -7.43 -1.95 -12.81
N LYS B 419 -8.26 -2.56 -11.98
CA LYS B 419 -9.08 -1.81 -11.03
C LYS B 419 -8.23 -1.11 -9.97
N LYS B 420 -7.15 -1.75 -9.55
CA LYS B 420 -6.26 -1.16 -8.55
C LYS B 420 -5.51 0.04 -9.15
N VAL B 421 -5.16 -0.05 -10.44
CA VAL B 421 -4.56 1.10 -11.10
C VAL B 421 -5.56 2.25 -11.19
N ASP B 422 -6.78 1.94 -11.61
CA ASP B 422 -7.83 2.95 -11.74
C ASP B 422 -8.07 3.69 -10.44
N ILE B 423 -8.25 2.95 -9.35
CA ILE B 423 -8.53 3.56 -8.05
C ILE B 423 -7.33 4.40 -7.59
N ALA B 424 -6.13 3.87 -7.78
CA ALA B 424 -4.93 4.59 -7.35
C ALA B 424 -4.75 5.90 -8.13
N LEU B 425 -4.96 5.87 -9.43
CA LEU B 425 -4.75 7.06 -10.25
C LEU B 425 -5.85 8.10 -10.03
N GLN B 426 -7.08 7.66 -9.85
CA GLN B 426 -8.19 8.59 -9.62
C GLN B 426 -8.05 9.26 -8.26
N LYS B 427 -7.72 8.48 -7.24
CA LYS B 427 -7.53 9.04 -5.90
C LYS B 427 -6.30 9.95 -5.83
N ALA B 428 -5.25 9.59 -6.56
CA ALA B 428 -4.03 10.40 -6.56
C ALA B 428 -4.26 11.78 -7.15
N ARG B 429 -5.05 11.85 -8.22
CA ARG B 429 -5.29 13.11 -8.93
C ARG B 429 -6.33 13.99 -8.22
N ASN B 430 -7.06 13.41 -7.28
CA ASN B 430 -8.11 14.14 -6.57
C ASN B 430 -7.77 14.34 -5.10
N THR B 431 -6.49 14.23 -4.74
CA THR B 431 -6.09 14.41 -3.36
C THR B 431 -5.11 15.59 -3.22
N SER B 432 -5.44 16.53 -2.34
CA SER B 432 -4.61 17.73 -2.17
C SER B 432 -3.32 17.45 -1.42
N ASN B 433 -3.40 16.62 -0.38
CA ASN B 433 -2.23 16.36 0.46
C ASN B 433 -1.15 15.61 -0.31
N LEU B 434 0.08 16.14 -0.26
CA LEU B 434 1.19 15.62 -1.05
C LEU B 434 1.58 14.20 -0.66
N GLU B 435 1.69 13.92 0.64
CA GLU B 435 2.05 12.57 1.06
C GLU B 435 1.00 11.55 0.70
N GLU B 436 -0.27 11.95 0.75
CA GLU B 436 -1.32 11.03 0.33
C GLU B 436 -1.22 10.76 -1.17
N ARG B 437 -0.85 11.76 -1.96
CA ARG B 437 -0.69 11.57 -3.39
C ARG B 437 0.43 10.55 -3.67
N LYS B 438 1.56 10.72 -2.99
CA LYS B 438 2.70 9.82 -3.15
C LYS B 438 2.33 8.39 -2.78
N LYS B 439 1.45 8.25 -1.78
CA LYS B 439 0.99 6.95 -1.35
C LYS B 439 0.16 6.26 -2.44
N TYR B 440 -0.76 7.01 -3.03
CA TYR B 440 -1.60 6.46 -4.08
C TYR B 440 -0.79 6.14 -5.36
N TYR B 441 0.25 6.92 -5.64
CA TYR B 441 1.09 6.64 -6.80
C TYR B 441 2.00 5.44 -6.54
N LYS B 442 2.32 5.19 -5.26
CA LYS B 442 3.01 3.96 -4.91
C LYS B 442 2.10 2.75 -5.15
N ASP B 443 0.83 2.88 -4.76
CA ASP B 443 -0.16 1.84 -5.02
C ASP B 443 -0.25 1.59 -6.52
N PHE B 444 -0.22 2.68 -7.28
CA PHE B 444 -0.29 2.62 -8.73
C PHE B 444 0.90 1.84 -9.28
N ILE B 445 2.08 2.22 -8.84
CA ILE B 445 3.30 1.55 -9.27
C ILE B 445 3.30 0.06 -8.89
N ASP B 446 2.87 -0.23 -7.66
CA ASP B 446 2.81 -1.62 -7.21
C ASP B 446 1.79 -2.43 -8.02
N ALA B 447 0.65 -1.82 -8.32
CA ALA B 447 -0.37 -2.51 -9.10
C ALA B 447 0.14 -2.83 -10.50
N LEU B 448 0.93 -1.90 -11.06
CA LEU B 448 1.51 -2.09 -12.38
C LEU B 448 2.47 -3.27 -12.39
N TYR B 449 3.21 -3.45 -11.31
CA TYR B 449 4.12 -4.59 -11.23
C TYR B 449 3.33 -5.88 -11.23
N GLU B 450 2.28 -5.92 -10.42
CA GLU B 450 1.49 -7.13 -10.24
C GLU B 450 0.66 -7.48 -11.48
N ASN B 451 0.38 -6.49 -12.32
CA ASN B 451 -0.38 -6.72 -13.54
C ASN B 451 0.14 -5.85 -14.68
N PRO B 452 1.32 -6.22 -15.22
CA PRO B 452 2.07 -5.38 -16.15
C PRO B 452 1.40 -5.13 -17.49
N PRO B 453 1.11 -3.86 -17.78
CA PRO B 453 0.60 -3.45 -19.10
C PRO B 453 1.71 -3.39 -20.14
N PHE B 454 2.95 -3.20 -19.67
CA PHE B 454 4.11 -3.00 -20.52
C PHE B 454 5.24 -3.98 -20.23
N ILE B 455 6.26 -3.97 -21.09
CA ILE B 455 7.62 -4.28 -20.68
C ILE B 455 8.34 -2.96 -20.70
N PHE B 456 8.53 -2.35 -19.55
CA PHE B 456 9.30 -1.10 -19.50
C PHE B 456 10.74 -1.43 -19.86
N LEU B 457 11.39 -0.54 -20.61
CA LEU B 457 12.74 -0.82 -21.10
C LEU B 457 13.75 0.22 -20.60
N ALA B 458 13.60 1.47 -21.03
CA ALA B 458 14.62 2.45 -20.70
C ALA B 458 14.10 3.88 -20.71
N TYR B 459 14.56 4.67 -19.75
CA TYR B 459 14.39 6.12 -19.80
C TYR B 459 15.49 6.75 -20.66
N LEU B 460 15.17 7.75 -21.45
CA LEU B 460 16.15 8.32 -22.38
C LEU B 460 16.71 9.65 -21.91
N ASP B 461 18.01 9.84 -22.15
CA ASP B 461 18.63 11.16 -22.11
C ASP B 461 18.70 11.70 -23.52
N PHE B 462 18.75 13.02 -23.65
CA PHE B 462 18.85 13.61 -24.97
C PHE B 462 20.07 14.51 -25.05
N ALA B 463 20.58 14.72 -26.26
CA ALA B 463 21.76 15.56 -26.41
C ALA B 463 21.43 16.77 -27.26
N LEU B 464 21.47 17.94 -26.64
CA LEU B 464 21.27 19.19 -27.37
C LEU B 464 22.60 19.76 -27.79
N VAL B 465 22.85 19.77 -29.09
CA VAL B 465 24.06 20.36 -29.63
C VAL B 465 23.74 21.71 -30.26
N TYR B 466 24.49 22.73 -29.89
CA TYR B 466 24.21 24.07 -30.35
C TYR B 466 25.46 24.78 -30.83
N ASN B 467 25.28 25.65 -31.82
CA ASN B 467 26.33 26.57 -32.23
C ASN B 467 26.77 27.36 -31.01
N LYS B 468 28.06 27.40 -30.75
CA LYS B 468 28.56 27.93 -29.49
C LYS B 468 28.36 29.45 -29.39
N ASP B 469 28.03 30.09 -30.51
CA ASP B 469 27.71 31.52 -30.49
C ASP B 469 26.38 31.77 -29.78
N LEU B 470 25.61 30.71 -29.58
CA LEU B 470 24.31 30.83 -28.94
C LEU B 470 24.46 31.09 -27.45
N LYS B 471 23.79 32.14 -26.96
CA LYS B 471 23.81 32.49 -25.55
C LYS B 471 22.43 32.35 -24.95
N GLY B 472 22.36 31.93 -23.68
CA GLY B 472 21.11 31.95 -22.94
C GLY B 472 20.32 30.65 -22.90
N ILE B 473 20.91 29.58 -23.43
CA ILE B 473 20.26 28.27 -23.39
C ILE B 473 20.24 27.72 -21.97
N LYS B 474 19.08 27.24 -21.53
CA LYS B 474 19.02 26.57 -20.24
C LYS B 474 18.46 25.17 -20.40
N THR B 475 19.06 24.22 -19.72
CA THR B 475 18.57 22.84 -19.73
C THR B 475 17.51 22.69 -18.67
N ARG B 476 16.71 21.64 -18.81
CA ARG B 476 15.78 21.24 -17.78
C ARG B 476 15.32 19.83 -18.13
N THR B 477 14.60 19.19 -17.22
CA THR B 477 14.11 17.84 -17.46
C THR B 477 13.15 17.85 -18.65
N LEU B 478 13.51 17.14 -19.71
CA LEU B 478 12.71 17.15 -20.93
C LEU B 478 11.57 16.11 -20.85
N GLY B 479 10.58 16.27 -21.71
CA GLY B 479 9.51 15.30 -21.81
C GLY B 479 9.68 14.33 -22.97
N HIS B 480 8.59 13.64 -23.27
CA HIS B 480 8.49 12.65 -24.33
C HIS B 480 8.94 13.23 -25.67
N HIS B 481 9.74 12.46 -26.41
CA HIS B 481 10.36 12.89 -27.68
C HIS B 481 11.33 14.06 -27.51
N GLY B 482 11.67 14.40 -26.27
CA GLY B 482 12.57 15.51 -26.01
C GLY B 482 11.90 16.88 -26.02
N VAL B 483 10.57 16.87 -26.12
CA VAL B 483 9.79 18.10 -26.06
C VAL B 483 10.11 18.92 -24.82
N GLY B 484 10.37 20.20 -25.03
CA GLY B 484 10.72 21.10 -23.95
C GLY B 484 12.13 21.67 -24.00
N PHE B 485 12.96 21.21 -24.94
CA PHE B 485 14.33 21.69 -24.98
C PHE B 485 14.42 23.11 -25.53
N THR B 486 13.32 23.57 -26.13
CA THR B 486 13.23 24.94 -26.62
C THR B 486 12.40 25.84 -25.71
N TRP B 487 12.27 25.43 -24.45
CA TRP B 487 11.37 26.11 -23.53
C TRP B 487 11.73 27.58 -23.27
N ASN B 488 13.02 27.93 -23.31
CA ASN B 488 13.41 29.31 -23.04
C ASN B 488 14.04 29.98 -24.27
N VAL B 489 13.60 29.56 -25.44
CA VAL B 489 14.22 30.01 -26.70
C VAL B 489 14.16 31.53 -26.92
N TYR B 490 13.21 32.21 -26.28
CA TYR B 490 13.15 33.66 -26.42
C TYR B 490 14.30 34.34 -25.67
N GLU B 491 14.99 33.56 -24.83
CA GLU B 491 16.20 34.04 -24.15
C GLU B 491 17.46 33.73 -24.95
N TRP B 492 17.30 32.95 -26.02
CA TRP B 492 18.45 32.56 -26.84
C TRP B 492 18.87 33.76 -27.68
N SER B 493 20.17 33.99 -27.77
CA SER B 493 20.70 35.08 -28.59
C SER B 493 22.12 34.77 -29.03
N LYS B 494 22.55 35.45 -30.09
CA LYS B 494 23.91 35.29 -30.61
C LYS B 494 24.72 36.56 -30.37
NI NI C . -9.62 -11.39 26.67
N HIS D . -10.19 -11.06 24.85
CA HIS D . -11.27 -10.07 24.90
C HIS D . -11.01 -9.04 25.96
O HIS D . -10.15 -9.24 26.81
CB HIS D . -12.61 -10.77 25.18
CG HIS D . -12.69 -11.37 26.54
ND1 HIS D . -11.59 -11.91 27.20
CD2 HIS D . -13.74 -11.54 27.40
CE1 HIS D . -11.96 -12.37 28.37
NE2 HIS D . -13.26 -12.16 28.53
OXT HIS D . -11.67 -7.99 26.05
MG MG E . 3.95 -25.59 25.23
C1 PEG F . -19.81 -15.59 21.28
O1 PEG F . -20.59 -15.62 20.11
C2 PEG F . -19.72 -14.12 21.81
O2 PEG F . -19.26 -14.13 23.17
C3 PEG F . -20.18 -14.69 24.09
C4 PEG F . -19.58 -14.66 25.48
O4 PEG F . -20.44 -15.32 26.38
C1 PEG G . -13.00 -15.83 27.44
O1 PEG G . -13.43 -16.96 28.17
C2 PEG G . -13.19 -16.07 25.91
O2 PEG G . -12.82 -14.89 25.17
C3 PEG G . -12.73 -15.08 23.78
C4 PEG G . -14.07 -15.53 23.26
O4 PEG G . -13.92 -16.49 22.24
C1 GOL H . -11.40 -18.67 3.89
O1 GOL H . -12.16 -19.74 4.42
C2 GOL H . -10.60 -18.03 5.00
O2 GOL H . -9.21 -18.06 4.70
C3 GOL H . -11.06 -16.59 5.22
O3 GOL H . -10.43 -15.73 4.29
NI NI I . 4.96 9.80 -28.90
N HIS J . 3.61 8.96 -27.89
CA HIS J . 3.48 7.62 -28.45
C HIS J . 4.84 7.00 -28.80
O HIS J . 5.86 7.70 -28.79
CB HIS J . 2.61 7.64 -29.71
CG HIS J . 3.20 8.40 -30.85
ND1 HIS J . 4.18 9.37 -30.68
CD2 HIS J . 2.98 8.33 -32.18
CE1 HIS J . 4.52 9.86 -31.85
NE2 HIS J . 3.82 9.24 -32.79
OXT HIS J . 4.94 5.80 -29.09
NI NI K . -13.97 -1.41 -15.67
C1 GOL L . -15.06 12.04 -29.20
O1 GOL L . -14.26 12.79 -30.08
C2 GOL L . -16.52 12.43 -29.36
O2 GOL L . -16.65 13.38 -30.40
C3 GOL L . -17.05 13.02 -28.06
O3 GOL L . -17.29 12.00 -27.13
MG MG M . 4.13 28.17 -21.86
C1 PEG N . 1.24 13.34 -33.50
O1 PEG N . 2.15 13.37 -34.59
C2 PEG N . 1.23 11.92 -32.87
O2 PEG N . 0.58 11.97 -31.59
C3 PEG N . 0.26 10.70 -31.06
C4 PEG N . -0.41 10.88 -29.72
O4 PEG N . -1.54 10.04 -29.64
C1 GOL O . -2.88 -11.77 -33.85
O1 GOL O . -3.15 -10.47 -34.32
C2 GOL O . -1.61 -12.31 -34.49
O2 GOL O . -1.93 -13.29 -35.46
C3 GOL O . -0.72 -12.93 -33.40
O3 GOL O . -1.48 -13.35 -32.29
#